data_8V8N
#
_entry.id   8V8N
#
_cell.length_a   55.757
_cell.length_b   61.722
_cell.length_c   204.087
_cell.angle_alpha   90.00
_cell.angle_beta   90.00
_cell.angle_gamma   90.00
#
_symmetry.space_group_name_H-M   'P 21 21 21'
#
loop_
_entity.id
_entity.type
_entity.pdbx_description
1 polymer 'Chalcone synthase'
2 non-polymer GLYCEROL
3 water water
#
_entity_poly.entity_id   1
_entity_poly.type   'polypeptide(L)'
_entity_poly.pdbx_seq_one_letter_code
;MAGAAAAVTVEEVRKAQRASGPATVLAIGTATPANCVHQADYPDYYFRVTKSDHLTDLKEKFKRMCDKSMIRKRYMHLTE
EFLAENPNMCAYMAPSLDARQDIVVVEVPKLGKAAAQKALKEWGQPRSRITHLVFCTTSGVDMPGADYQLTKLLGLRPSV
NRLMMYQQGSFAGGTVLRVAKDLAENNRGARVLVVCSEITAVTFRGPSESHLDSLVGQALFGDGAAAVIVGADPDERAER
PLFQLVSAAQTLLPDSEGAIDGHLREVGLTFHLLKDVPGLISKNIERALEAAFAPLGISDWNSIFWVAHPGGPAILDQVE
AKVSLDKARMRATRHVLAEYGNMSSACVLFILDEMRKRSAEDGCATTGEGLDWGVLFGFGPGLTVETVVLHSVPITAGAA
AA
;
_entity_poly.pdbx_strand_id   A,B
#
loop_
_chem_comp.id
_chem_comp.type
_chem_comp.name
_chem_comp.formula
GOL non-polymer GLYCEROL 'C3 H8 O3'
#
# COMPACT_ATOMS: atom_id res chain seq x y z
N VAL A 8 23.06 19.17 -17.22
CA VAL A 8 22.55 18.65 -15.96
C VAL A 8 22.91 17.18 -15.82
N THR A 9 23.57 16.84 -14.71
CA THR A 9 23.91 15.46 -14.40
C THR A 9 23.06 14.97 -13.23
N VAL A 10 22.95 13.64 -13.12
CA VAL A 10 22.11 13.05 -12.08
C VAL A 10 22.55 13.53 -10.70
N GLU A 11 23.87 13.63 -10.47
CA GLU A 11 24.35 14.05 -9.17
C GLU A 11 23.86 15.45 -8.83
N GLU A 12 23.90 16.37 -9.80
CA GLU A 12 23.37 17.71 -9.56
C GLU A 12 21.88 17.68 -9.22
N VAL A 13 21.14 16.76 -9.83
CA VAL A 13 19.73 16.59 -9.47
C VAL A 13 19.60 16.15 -8.03
N ARG A 14 20.35 15.11 -7.64
CA ARG A 14 20.22 14.55 -6.30
C ARG A 14 20.48 15.60 -5.23
N LYS A 15 21.54 16.40 -5.41
CA LYS A 15 21.90 17.37 -4.38
C LYS A 15 20.83 18.43 -4.20
N ALA A 16 20.27 18.94 -5.29
CA ALA A 16 19.27 20.00 -5.21
C ALA A 16 17.89 19.48 -4.87
N GLN A 17 17.66 18.17 -5.02
CA GLN A 17 16.33 17.60 -4.89
C GLN A 17 16.04 17.04 -3.50
N ARG A 18 17.06 16.72 -2.72
CA ARG A 18 16.87 16.14 -1.40
C ARG A 18 16.78 17.22 -0.33
N ALA A 19 16.01 16.92 0.72
CA ALA A 19 15.83 17.84 1.83
C ALA A 19 17.03 17.75 2.77
N SER A 20 16.97 18.49 3.89
CA SER A 20 18.09 18.57 4.82
C SER A 20 17.71 18.07 6.21
N GLY A 21 16.90 18.82 6.98
CA GLY A 21 16.69 18.50 8.36
C GLY A 21 15.83 17.25 8.57
N PRO A 22 15.51 16.98 9.83
CA PRO A 22 14.72 15.78 10.16
C PRO A 22 13.24 15.94 9.84
N ALA A 23 12.61 14.81 9.54
CA ALA A 23 11.18 14.82 9.27
C ALA A 23 10.42 15.27 10.51
N THR A 24 9.50 16.21 10.34
CA THR A 24 8.82 16.86 11.45
C THR A 24 7.31 16.79 11.26
N VAL A 25 6.61 16.43 12.33
CA VAL A 25 5.15 16.49 12.36
C VAL A 25 4.74 17.93 12.61
N LEU A 26 4.06 18.53 11.65
CA LEU A 26 3.68 19.94 11.73
C LEU A 26 2.24 20.15 12.16
N ALA A 27 1.41 19.12 12.14
CA ALA A 27 0.01 19.25 12.56
C ALA A 27 -0.57 17.87 12.75
N ILE A 28 -1.59 17.79 13.60
CA ILE A 28 -2.33 16.56 13.85
C ILE A 28 -3.81 16.90 13.93
N GLY A 29 -4.61 16.16 13.19
CA GLY A 29 -6.06 16.29 13.27
C GLY A 29 -6.69 14.92 13.35
N THR A 30 -7.78 14.85 14.12
CA THR A 30 -8.49 13.60 14.33
C THR A 30 -9.98 13.82 14.12
N ALA A 31 -10.69 12.74 13.84
CA ALA A 31 -12.11 12.78 13.58
C ALA A 31 -12.68 11.38 13.72
N THR A 32 -13.94 11.30 14.12
CA THR A 32 -14.66 10.05 14.27
C THR A 32 -16.10 10.24 13.79
N PRO A 33 -16.81 9.15 13.52
CA PRO A 33 -18.23 9.26 13.22
C PRO A 33 -19.00 9.86 14.39
N ALA A 34 -20.19 10.38 14.10
CA ALA A 34 -20.97 11.04 15.13
C ALA A 34 -21.55 10.04 16.13
N ASN A 35 -22.02 8.90 15.63
CA ASN A 35 -22.71 7.93 16.48
C ASN A 35 -21.76 7.36 17.53
N CYS A 36 -22.11 7.57 18.80
CA CYS A 36 -21.31 7.11 19.93
C CYS A 36 -22.01 5.96 20.63
N VAL A 37 -21.26 4.91 20.94
CA VAL A 37 -21.80 3.70 21.56
C VAL A 37 -20.99 3.43 22.82
N HIS A 38 -21.68 3.37 23.97
CA HIS A 38 -21.01 3.25 25.26
C HIS A 38 -20.81 1.78 25.63
N GLN A 39 -19.58 1.45 26.02
CA GLN A 39 -19.26 0.05 26.31
C GLN A 39 -20.18 -0.54 27.37
N ALA A 40 -20.69 0.29 28.28
CA ALA A 40 -21.56 -0.22 29.34
C ALA A 40 -22.84 -0.82 28.78
N ASP A 41 -23.27 -0.37 27.60
CA ASP A 41 -24.52 -0.83 27.00
C ASP A 41 -24.32 -1.75 25.81
N TYR A 42 -23.07 -2.02 25.40
CA TYR A 42 -22.85 -2.73 24.15
C TYR A 42 -23.31 -4.18 24.22
N PRO A 43 -23.05 -4.90 25.32
CA PRO A 43 -23.54 -6.28 25.39
C PRO A 43 -25.03 -6.40 25.12
N ASP A 44 -25.84 -5.50 25.69
CA ASP A 44 -27.27 -5.50 25.42
C ASP A 44 -27.57 -5.10 23.98
N TYR A 45 -26.90 -4.04 23.51
CA TYR A 45 -27.13 -3.57 22.15
C TYR A 45 -26.66 -4.59 21.12
N TYR A 46 -25.44 -5.10 21.29
CA TYR A 46 -24.86 -5.98 20.27
C TYR A 46 -25.69 -7.24 20.11
N PHE A 47 -26.06 -7.87 21.23
CA PHE A 47 -26.84 -9.10 21.16
C PHE A 47 -28.30 -8.87 20.78
N ARG A 48 -28.77 -7.62 20.82
CA ARG A 48 -30.12 -7.32 20.36
C ARG A 48 -30.18 -7.18 18.84
N VAL A 49 -29.34 -6.31 18.27
CA VAL A 49 -29.38 -6.08 16.84
C VAL A 49 -28.96 -7.34 16.08
N THR A 50 -28.04 -8.12 16.63
CA THR A 50 -27.63 -9.37 15.99
C THR A 50 -28.58 -10.52 16.28
N LYS A 51 -29.66 -10.28 17.02
CA LYS A 51 -30.66 -11.30 17.32
C LYS A 51 -30.02 -12.55 17.90
N SER A 52 -29.19 -12.35 18.93
CA SER A 52 -28.49 -13.44 19.59
C SER A 52 -28.80 -13.53 21.08
N ASP A 53 -29.87 -12.87 21.54
CA ASP A 53 -30.19 -12.86 22.96
C ASP A 53 -30.51 -14.26 23.49
N HIS A 54 -30.80 -15.22 22.62
CA HIS A 54 -31.01 -16.59 23.07
C HIS A 54 -29.71 -17.27 23.48
N LEU A 55 -28.57 -16.67 23.19
CA LEU A 55 -27.27 -17.20 23.61
C LEU A 55 -26.82 -16.47 24.87
N THR A 56 -27.51 -16.78 25.97
CA THR A 56 -27.24 -16.10 27.23
C THR A 56 -25.82 -16.39 27.73
N ASP A 57 -25.40 -17.65 27.67
CA ASP A 57 -24.06 -17.99 28.11
C ASP A 57 -23.00 -17.22 27.30
N LEU A 58 -23.26 -17.03 26.00
CA LEU A 58 -22.35 -16.24 25.18
C LEU A 58 -22.40 -14.77 25.56
N LYS A 59 -23.61 -14.24 25.80
CA LYS A 59 -23.73 -12.84 26.21
C LYS A 59 -23.00 -12.57 27.51
N GLU A 60 -22.94 -13.56 28.41
CA GLU A 60 -22.19 -13.39 29.65
C GLU A 60 -20.70 -13.28 29.36
N LYS A 61 -20.18 -14.15 28.48
CA LYS A 61 -18.77 -14.05 28.09
C LYS A 61 -18.47 -12.70 27.47
N PHE A 62 -19.36 -12.21 26.60
CA PHE A 62 -19.13 -10.92 25.96
C PHE A 62 -19.14 -9.79 26.96
N LYS A 63 -20.09 -9.80 27.90
CA LYS A 63 -20.11 -8.77 28.93
C LYS A 63 -18.78 -8.72 29.68
N ARG A 64 -18.22 -9.88 30.02
CA ARG A 64 -16.91 -9.90 30.65
C ARG A 64 -15.84 -9.33 29.72
N MET A 65 -15.95 -9.62 28.42
CA MET A 65 -15.02 -9.05 27.45
C MET A 65 -15.08 -7.53 27.49
N CYS A 66 -16.29 -6.97 27.47
CA CYS A 66 -16.42 -5.51 27.42
C CYS A 66 -15.99 -4.87 28.72
N ASP A 67 -16.31 -5.49 29.86
CA ASP A 67 -15.97 -4.91 31.16
C ASP A 67 -14.47 -4.87 31.38
N LYS A 68 -13.75 -5.89 30.89
CA LYS A 68 -12.30 -5.93 31.00
C LYS A 68 -11.59 -5.20 29.88
N SER A 69 -12.33 -4.68 28.90
CA SER A 69 -11.72 -4.05 27.73
C SER A 69 -11.05 -2.72 28.05
N MET A 70 -11.41 -2.08 29.16
CA MET A 70 -10.93 -0.74 29.49
C MET A 70 -11.30 0.27 28.42
N ILE A 71 -12.38 0.00 27.70
CA ILE A 71 -12.96 0.91 26.73
C ILE A 71 -14.22 1.51 27.35
N ARG A 72 -14.31 2.83 27.37
CA ARG A 72 -15.52 3.47 27.88
C ARG A 72 -16.55 3.71 26.77
N LYS A 73 -16.12 4.18 25.61
CA LYS A 73 -17.01 4.43 24.50
C LYS A 73 -16.25 4.31 23.19
N ARG A 74 -17.01 4.11 22.12
CA ARG A 74 -16.47 4.00 20.77
C ARG A 74 -17.40 4.71 19.81
N TYR A 75 -16.86 5.10 18.65
CA TYR A 75 -17.63 5.75 17.60
C TYR A 75 -17.77 4.79 16.42
N MET A 76 -18.99 4.66 15.92
CA MET A 76 -19.28 3.70 14.86
C MET A 76 -20.22 4.32 13.84
N HIS A 77 -19.81 4.26 12.56
CA HIS A 77 -20.71 4.69 11.49
C HIS A 77 -21.96 3.82 11.43
N LEU A 78 -21.83 2.53 11.74
CA LEU A 78 -22.97 1.64 11.72
C LEU A 78 -23.99 2.04 12.77
N THR A 79 -25.23 2.21 12.35
CA THR A 79 -26.33 2.55 13.24
C THR A 79 -27.32 1.41 13.32
N GLU A 80 -28.05 1.36 14.43
CA GLU A 80 -29.07 0.32 14.59
C GLU A 80 -30.08 0.34 13.46
N GLU A 81 -30.34 1.53 12.89
CA GLU A 81 -31.27 1.64 11.76
C GLU A 81 -30.72 0.94 10.54
N PHE A 82 -29.45 1.21 10.20
CA PHE A 82 -28.84 0.54 9.05
C PHE A 82 -28.77 -0.96 9.27
N LEU A 83 -28.32 -1.39 10.46
CA LEU A 83 -28.20 -2.82 10.73
C LEU A 83 -29.55 -3.52 10.62
N ALA A 84 -30.65 -2.81 10.86
CA ALA A 84 -31.97 -3.42 10.69
C ALA A 84 -32.26 -3.72 9.23
N GLU A 85 -31.77 -2.86 8.32
CA GLU A 85 -31.95 -3.05 6.89
C GLU A 85 -30.90 -3.96 6.27
N ASN A 86 -30.01 -4.55 7.06
CA ASN A 86 -28.94 -5.39 6.54
C ASN A 86 -28.69 -6.54 7.52
N PRO A 87 -29.63 -7.47 7.62
CA PRO A 87 -29.45 -8.60 8.55
C PRO A 87 -28.29 -9.50 8.19
N ASN A 88 -27.77 -9.41 6.96
CA ASN A 88 -26.63 -10.24 6.60
C ASN A 88 -25.35 -9.79 7.30
N MET A 89 -25.25 -8.50 7.64
CA MET A 89 -24.11 -8.02 8.40
C MET A 89 -24.26 -8.27 9.89
N CYS A 90 -25.49 -8.51 10.36
CA CYS A 90 -25.71 -8.85 11.77
C CYS A 90 -25.50 -10.33 12.06
N ALA A 91 -25.51 -11.18 11.02
CA ALA A 91 -25.19 -12.58 11.19
C ALA A 91 -23.70 -12.76 11.40
N TYR A 92 -23.33 -13.93 11.93
CA TYR A 92 -21.91 -14.22 12.14
C TYR A 92 -21.19 -14.36 10.80
N MET A 93 -21.73 -15.19 9.91
CA MET A 93 -21.11 -15.47 8.61
C MET A 93 -22.21 -15.55 7.56
N ALA A 94 -22.41 -14.46 6.82
CA ALA A 94 -23.40 -14.41 5.76
C ALA A 94 -22.90 -13.47 4.67
N PRO A 95 -23.23 -13.76 3.40
CA PRO A 95 -22.73 -12.91 2.29
C PRO A 95 -23.06 -11.43 2.50
N SER A 96 -22.04 -10.59 2.58
CA SER A 96 -22.29 -9.19 2.93
C SER A 96 -21.17 -8.25 2.47
N LEU A 97 -20.18 -8.79 1.76
CA LEU A 97 -19.04 -7.96 1.37
C LEU A 97 -19.48 -6.81 0.47
N ASP A 98 -20.39 -7.07 -0.46
CA ASP A 98 -20.88 -6.00 -1.33
C ASP A 98 -21.51 -4.89 -0.50
N ALA A 99 -22.34 -5.26 0.48
CA ALA A 99 -22.94 -4.26 1.35
C ALA A 99 -21.87 -3.50 2.15
N ARG A 100 -20.88 -4.23 2.68
CA ARG A 100 -19.84 -3.57 3.47
C ARG A 100 -18.97 -2.67 2.61
N GLN A 101 -18.60 -3.14 1.41
CA GLN A 101 -17.83 -2.29 0.50
C GLN A 101 -18.59 -1.02 0.17
N ASP A 102 -19.90 -1.13 -0.04
CA ASP A 102 -20.70 0.05 -0.40
C ASP A 102 -20.60 1.15 0.66
N ILE A 103 -20.34 0.77 1.91
CA ILE A 103 -20.16 1.75 2.97
C ILE A 103 -18.76 2.34 2.93
N VAL A 104 -17.75 1.49 3.13
CA VAL A 104 -16.42 1.98 3.47
C VAL A 104 -15.75 2.68 2.29
N VAL A 105 -16.00 2.24 1.05
CA VAL A 105 -15.39 2.92 -0.08
C VAL A 105 -15.84 4.38 -0.12
N VAL A 106 -17.00 4.68 0.43
CA VAL A 106 -17.50 6.05 0.48
C VAL A 106 -17.09 6.73 1.78
N GLU A 107 -17.37 6.09 2.92
CA GLU A 107 -17.20 6.75 4.20
C GLU A 107 -15.74 6.83 4.64
N VAL A 108 -14.89 5.88 4.23
CA VAL A 108 -13.49 5.91 4.65
C VAL A 108 -12.79 7.16 4.15
N PRO A 109 -12.83 7.52 2.86
CA PRO A 109 -12.25 8.81 2.45
C PRO A 109 -12.93 10.00 3.10
N LYS A 110 -14.24 9.94 3.31
CA LYS A 110 -14.95 11.06 3.91
C LYS A 110 -14.50 11.31 5.34
N LEU A 111 -14.44 10.25 6.14
CA LEU A 111 -13.94 10.39 7.51
C LEU A 111 -12.51 10.89 7.50
N GLY A 112 -11.70 10.43 6.54
CA GLY A 112 -10.34 10.94 6.44
C GLY A 112 -10.28 12.39 6.02
N LYS A 113 -11.28 12.86 5.26
CA LYS A 113 -11.35 14.27 4.93
C LYS A 113 -11.60 15.12 6.18
N ALA A 114 -12.49 14.66 7.05
CA ALA A 114 -12.77 15.42 8.27
C ALA A 114 -11.51 15.61 9.10
N ALA A 115 -10.72 14.54 9.25
CA ALA A 115 -9.47 14.67 10.00
C ALA A 115 -8.45 15.51 9.24
N ALA A 116 -8.37 15.33 7.92
CA ALA A 116 -7.39 16.08 7.14
C ALA A 116 -7.67 17.57 7.16
N GLN A 117 -8.95 17.96 7.11
CA GLN A 117 -9.29 19.38 7.25
C GLN A 117 -8.70 19.94 8.53
N LYS A 118 -8.97 19.27 9.66
CA LYS A 118 -8.43 19.72 10.94
C LYS A 118 -6.92 19.91 10.86
N ALA A 119 -6.20 18.87 10.43
CA ALA A 119 -4.75 18.96 10.34
C ALA A 119 -4.31 20.10 9.45
N LEU A 120 -4.91 20.21 8.25
CA LEU A 120 -4.51 21.26 7.33
C LEU A 120 -4.77 22.64 7.92
N LYS A 121 -5.87 22.79 8.67
CA LYS A 121 -6.17 24.08 9.30
C LYS A 121 -5.08 24.45 10.29
N GLU A 122 -4.76 23.55 11.23
CA GLU A 122 -3.70 23.81 12.19
C GLU A 122 -2.38 24.12 11.48
N TRP A 123 -2.14 23.49 10.33
CA TRP A 123 -0.94 23.78 9.55
C TRP A 123 -0.96 25.21 9.01
N GLY A 124 -2.13 25.65 8.52
CA GLY A 124 -2.30 27.02 8.08
C GLY A 124 -1.81 27.32 6.67
N GLN A 125 -0.99 26.46 6.08
CA GLN A 125 -0.49 26.70 4.73
C GLN A 125 -1.54 26.32 3.68
N PRO A 126 -1.38 26.81 2.46
CA PRO A 126 -2.36 26.48 1.41
C PRO A 126 -2.25 25.01 1.03
N ARG A 127 -3.42 24.41 0.74
CA ARG A 127 -3.46 23.00 0.36
C ARG A 127 -2.58 22.70 -0.85
N SER A 128 -2.31 23.69 -1.69
CA SER A 128 -1.47 23.46 -2.86
C SER A 128 -0.03 23.08 -2.49
N ARG A 129 0.41 23.41 -1.28
CA ARG A 129 1.77 23.09 -0.85
C ARG A 129 1.95 21.62 -0.48
N ILE A 130 0.87 20.86 -0.36
CA ILE A 130 0.98 19.42 -0.08
C ILE A 130 1.48 18.72 -1.34
N THR A 131 2.61 18.04 -1.21
CA THR A 131 3.22 17.35 -2.35
C THR A 131 3.06 15.84 -2.31
N HIS A 132 2.70 15.27 -1.17
CA HIS A 132 2.57 13.83 -1.03
C HIS A 132 1.33 13.51 -0.20
N LEU A 133 0.74 12.35 -0.48
CA LEU A 133 -0.40 11.87 0.27
C LEU A 133 -0.21 10.38 0.53
N VAL A 134 -0.22 10.01 1.81
CA VAL A 134 -0.17 8.61 2.23
C VAL A 134 -1.52 8.30 2.86
N PHE A 135 -2.30 7.44 2.21
CA PHE A 135 -3.60 7.03 2.73
C PHE A 135 -3.53 5.57 3.14
N CYS A 136 -3.96 5.29 4.37
CA CYS A 136 -3.83 3.96 4.95
C CYS A 136 -5.18 3.55 5.54
N THR A 137 -5.63 2.34 5.20
CA THR A 137 -6.89 1.84 5.72
C THR A 137 -6.88 0.33 5.69
N THR A 138 -7.63 -0.27 6.63
CA THR A 138 -7.93 -1.69 6.59
C THR A 138 -9.41 -1.94 6.30
N SER A 139 -10.17 -0.91 5.97
CA SER A 139 -11.62 -0.97 5.78
C SER A 139 -11.91 -0.81 4.29
N GLY A 140 -11.91 -1.93 3.57
CA GLY A 140 -12.32 -1.95 2.19
C GLY A 140 -11.21 -1.57 1.22
N VAL A 141 -11.42 -1.94 -0.05
CA VAL A 141 -10.51 -1.60 -1.14
C VAL A 141 -11.33 -1.19 -2.36
N ASP A 142 -10.74 -0.39 -3.23
CA ASP A 142 -11.42 0.09 -4.42
C ASP A 142 -10.38 0.67 -5.37
N MET A 143 -10.77 0.83 -6.64
CA MET A 143 -9.91 1.43 -7.66
C MET A 143 -10.72 2.43 -8.48
N PRO A 144 -10.31 3.70 -8.53
CA PRO A 144 -9.17 4.32 -7.83
C PRO A 144 -9.37 4.23 -6.32
N GLY A 145 -8.28 4.19 -5.55
CA GLY A 145 -8.36 3.97 -4.12
C GLY A 145 -8.85 5.18 -3.35
N ALA A 146 -8.82 5.04 -2.02
CA ALA A 146 -9.25 6.13 -1.15
C ALA A 146 -8.36 7.36 -1.31
N ASP A 147 -7.08 7.16 -1.63
CA ASP A 147 -6.19 8.30 -1.85
C ASP A 147 -6.75 9.21 -2.94
N TYR A 148 -7.27 8.61 -4.01
CA TYR A 148 -7.85 9.39 -5.11
C TYR A 148 -9.09 10.15 -4.64
N GLN A 149 -9.97 9.48 -3.91
CA GLN A 149 -11.18 10.14 -3.42
C GLN A 149 -10.84 11.32 -2.52
N LEU A 150 -9.86 11.13 -1.63
CA LEU A 150 -9.48 12.22 -0.73
C LEU A 150 -8.85 13.38 -1.50
N THR A 151 -8.00 13.08 -2.48
CA THR A 151 -7.44 14.14 -3.32
C THR A 151 -8.55 15.01 -3.91
N LYS A 152 -9.63 14.38 -4.37
CA LYS A 152 -10.75 15.14 -4.91
C LYS A 152 -11.47 15.91 -3.82
N LEU A 153 -11.79 15.24 -2.71
CA LEU A 153 -12.58 15.88 -1.66
C LEU A 153 -11.88 17.10 -1.08
N LEU A 154 -10.56 17.01 -0.89
CA LEU A 154 -9.80 18.09 -0.28
C LEU A 154 -9.38 19.16 -1.27
N GLY A 155 -9.53 18.92 -2.57
CA GLY A 155 -9.06 19.87 -3.55
C GLY A 155 -7.55 19.92 -3.65
N LEU A 156 -6.87 18.83 -3.30
CA LEU A 156 -5.43 18.78 -3.46
C LEU A 156 -5.07 18.88 -4.94
N ARG A 157 -3.83 19.25 -5.21
CA ARG A 157 -3.38 19.38 -6.58
C ARG A 157 -3.35 18.01 -7.26
N PRO A 158 -3.82 17.91 -8.49
CA PRO A 158 -3.39 16.78 -9.33
C PRO A 158 -1.89 16.89 -9.55
N SER A 159 -1.21 15.75 -9.49
CA SER A 159 0.26 15.67 -9.48
C SER A 159 0.79 15.51 -8.08
N VAL A 160 -0.11 15.49 -7.08
CA VAL A 160 0.28 15.09 -5.74
C VAL A 160 0.71 13.63 -5.78
N ASN A 161 1.85 13.33 -5.16
CA ASN A 161 2.37 11.97 -5.13
C ASN A 161 1.61 11.16 -4.09
N ARG A 162 0.81 10.21 -4.54
CA ARG A 162 -0.08 9.45 -3.68
C ARG A 162 0.49 8.07 -3.39
N LEU A 163 0.34 7.63 -2.15
CA LEU A 163 0.68 6.27 -1.73
C LEU A 163 -0.53 5.67 -1.05
N MET A 164 -1.05 4.58 -1.61
CA MET A 164 -2.27 3.96 -1.13
C MET A 164 -1.92 2.69 -0.36
N MET A 165 -2.12 2.73 0.95
CA MET A 165 -1.82 1.60 1.84
C MET A 165 -3.15 0.91 2.17
N TYR A 166 -3.44 -0.18 1.47
CA TYR A 166 -4.68 -0.91 1.68
C TYR A 166 -4.44 -2.15 2.55
N GLN A 167 -5.44 -2.47 3.37
CA GLN A 167 -5.49 -3.76 4.08
C GLN A 167 -4.26 -3.96 4.95
N GLN A 168 -3.77 -2.88 5.57
CA GLN A 168 -2.51 -2.95 6.28
C GLN A 168 -2.65 -3.67 7.61
N GLY A 169 -3.54 -3.21 8.47
CA GLY A 169 -3.67 -3.74 9.82
C GLY A 169 -3.23 -2.72 10.87
N SER A 170 -3.36 -3.15 12.12
CA SER A 170 -3.20 -2.25 13.27
C SER A 170 -1.79 -1.73 13.45
N PHE A 171 -0.80 -2.22 12.69
CA PHE A 171 0.56 -1.70 12.83
C PHE A 171 0.84 -0.56 11.86
N ALA A 172 -0.09 -0.28 10.93
CA ALA A 172 0.17 0.69 9.88
C ALA A 172 0.25 2.12 10.40
N GLY A 173 -0.17 2.38 11.64
CA GLY A 173 0.07 3.68 12.23
C GLY A 173 1.54 4.03 12.23
N GLY A 174 2.40 3.08 12.59
CA GLY A 174 3.82 3.29 12.47
C GLY A 174 4.30 3.26 11.03
N THR A 175 3.67 2.41 10.20
CA THR A 175 4.10 2.28 8.81
C THR A 175 4.03 3.63 8.10
N VAL A 176 2.92 4.35 8.23
CA VAL A 176 2.76 5.60 7.50
C VAL A 176 3.84 6.60 7.91
N LEU A 177 4.16 6.64 9.22
CA LEU A 177 5.24 7.51 9.68
C LEU A 177 6.57 7.12 9.04
N ARG A 178 6.89 5.82 9.05
CA ARG A 178 8.08 5.37 8.36
C ARG A 178 8.09 5.82 6.91
N VAL A 179 6.94 5.74 6.25
CA VAL A 179 6.87 6.13 4.83
C VAL A 179 7.02 7.65 4.70
N ALA A 180 6.21 8.41 5.44
CA ALA A 180 6.30 9.87 5.36
C ALA A 180 7.72 10.35 5.65
N LYS A 181 8.43 9.65 6.53
CA LYS A 181 9.79 10.07 6.89
C LYS A 181 10.71 10.04 5.67
N ASP A 182 10.79 8.89 5.00
CA ASP A 182 11.67 8.80 3.83
C ASP A 182 11.23 9.75 2.72
N LEU A 183 9.93 10.00 2.60
CA LEU A 183 9.44 10.89 1.55
C LEU A 183 9.83 12.34 1.83
N ALA A 184 9.62 12.80 3.06
CA ALA A 184 9.89 14.19 3.39
C ALA A 184 11.39 14.47 3.47
N GLU A 185 12.21 13.45 3.75
CA GLU A 185 13.64 13.66 3.95
C GLU A 185 14.41 13.64 2.64
N ASN A 186 13.93 12.91 1.64
CA ASN A 186 14.65 12.77 0.39
C ASN A 186 14.27 13.82 -0.65
N ASN A 187 13.25 14.65 -0.37
CA ASN A 187 12.70 15.56 -1.36
C ASN A 187 12.56 16.94 -0.74
N ARG A 188 13.41 17.87 -1.18
CA ARG A 188 13.33 19.25 -0.71
C ARG A 188 11.93 19.81 -0.95
N GLY A 189 11.38 20.47 0.06
CA GLY A 189 10.08 21.10 -0.04
C GLY A 189 8.90 20.18 0.13
N ALA A 190 9.10 18.87 0.09
CA ALA A 190 7.98 17.94 0.21
C ALA A 190 7.23 18.18 1.52
N ARG A 191 5.89 18.11 1.44
CA ARG A 191 5.03 18.20 2.62
C ARG A 191 4.01 17.07 2.52
N VAL A 192 4.18 16.05 3.34
CA VAL A 192 3.40 14.82 3.25
C VAL A 192 2.17 14.94 4.13
N LEU A 193 0.99 14.78 3.52
CA LEU A 193 -0.26 14.63 4.25
C LEU A 193 -0.49 13.14 4.48
N VAL A 194 -0.58 12.73 5.74
CA VAL A 194 -0.75 11.33 6.11
C VAL A 194 -2.13 11.17 6.72
N VAL A 195 -2.88 10.18 6.24
CA VAL A 195 -4.24 9.94 6.71
C VAL A 195 -4.43 8.46 6.98
N CYS A 196 -4.79 8.12 8.21
CA CYS A 196 -5.24 6.78 8.57
C CYS A 196 -6.73 6.85 8.87
N SER A 197 -7.52 6.04 8.17
CA SER A 197 -8.97 6.11 8.29
C SER A 197 -9.50 4.68 8.37
N GLU A 198 -10.23 4.38 9.45
CA GLU A 198 -10.74 3.03 9.68
C GLU A 198 -12.20 3.09 10.08
N ILE A 199 -12.98 2.15 9.56
CA ILE A 199 -14.40 2.01 9.87
C ILE A 199 -14.72 0.53 9.98
N THR A 200 -15.36 0.15 11.09
CA THR A 200 -15.54 -1.26 11.43
C THR A 200 -16.70 -1.93 10.71
N ALA A 201 -17.39 -1.24 9.80
CA ALA A 201 -18.48 -1.85 9.06
C ALA A 201 -18.02 -3.03 8.20
N VAL A 202 -16.72 -3.19 8.00
CA VAL A 202 -16.22 -4.30 7.22
C VAL A 202 -15.94 -5.54 8.08
N THR A 203 -15.78 -5.37 9.40
CA THR A 203 -15.55 -6.48 10.32
C THR A 203 -16.73 -6.76 11.24
N PHE A 204 -17.69 -5.86 11.35
CA PHE A 204 -18.81 -6.08 12.25
C PHE A 204 -19.60 -7.32 11.84
N ARG A 205 -19.85 -8.20 12.81
CA ARG A 205 -20.63 -9.40 12.56
C ARG A 205 -21.19 -9.91 13.88
N GLY A 206 -22.11 -10.86 13.78
CA GLY A 206 -22.74 -11.44 14.96
C GLY A 206 -21.84 -12.43 15.66
N PRO A 207 -22.26 -12.82 16.86
CA PRO A 207 -21.45 -13.70 17.71
C PRO A 207 -21.64 -15.17 17.40
N SER A 208 -20.58 -15.94 17.68
CA SER A 208 -20.57 -17.38 17.41
C SER A 208 -19.81 -18.07 18.54
N GLU A 209 -20.47 -19.03 19.19
CA GLU A 209 -19.87 -19.69 20.34
C GLU A 209 -18.54 -20.35 19.98
N SER A 210 -18.41 -20.84 18.74
CA SER A 210 -17.20 -21.53 18.32
C SER A 210 -16.06 -20.59 17.95
N HIS A 211 -16.22 -19.28 18.10
CA HIS A 211 -15.17 -18.35 17.67
C HIS A 211 -15.16 -17.13 18.60
N LEU A 212 -14.69 -17.34 19.83
CA LEU A 212 -14.59 -16.24 20.77
C LEU A 212 -13.56 -15.21 20.32
N ASP A 213 -12.56 -15.63 19.55
CA ASP A 213 -11.54 -14.69 19.10
C ASP A 213 -12.14 -13.62 18.21
N SER A 214 -13.06 -14.01 17.32
CA SER A 214 -13.78 -13.01 16.52
C SER A 214 -14.67 -12.16 17.41
N LEU A 215 -15.22 -12.74 18.47
CA LEU A 215 -16.11 -11.99 19.35
C LEU A 215 -15.37 -10.86 20.04
N VAL A 216 -14.11 -11.08 20.42
CA VAL A 216 -13.37 -10.06 21.15
C VAL A 216 -13.07 -8.86 20.27
N GLY A 217 -12.96 -9.07 18.96
CA GLY A 217 -12.84 -7.93 18.06
C GLY A 217 -14.06 -7.03 18.12
N GLN A 218 -15.25 -7.62 18.28
CA GLN A 218 -16.47 -6.83 18.39
C GLN A 218 -16.49 -5.94 19.62
N ALA A 219 -15.68 -6.25 20.63
CA ALA A 219 -15.65 -5.46 21.86
C ALA A 219 -14.59 -4.37 21.86
N LEU A 220 -13.61 -4.44 20.97
CA LEU A 220 -12.48 -3.52 20.98
C LEU A 220 -12.46 -2.55 19.79
N PHE A 221 -12.81 -3.01 18.59
CA PHE A 221 -12.61 -2.20 17.40
C PHE A 221 -13.58 -1.02 17.37
N GLY A 222 -13.07 0.14 16.94
CA GLY A 222 -13.88 1.31 16.78
C GLY A 222 -13.49 2.08 15.54
N ASP A 223 -14.26 3.12 15.25
CA ASP A 223 -14.04 3.93 14.06
C ASP A 223 -13.31 5.22 14.41
N GLY A 224 -12.52 5.69 13.45
CA GLY A 224 -11.80 6.93 13.62
C GLY A 224 -10.82 7.19 12.50
N ALA A 225 -10.45 8.45 12.31
CA ALA A 225 -9.44 8.84 11.34
C ALA A 225 -8.54 9.89 11.96
N ALA A 226 -7.28 9.89 11.56
CA ALA A 226 -6.31 10.85 12.02
C ALA A 226 -5.46 11.29 10.83
N ALA A 227 -5.12 12.58 10.81
CA ALA A 227 -4.29 13.15 9.78
C ALA A 227 -3.06 13.79 10.41
N VAL A 228 -1.93 13.67 9.72
CA VAL A 228 -0.67 14.23 10.18
C VAL A 228 0.04 14.84 8.98
N ILE A 229 0.62 16.02 9.17
CA ILE A 229 1.38 16.71 8.14
C ILE A 229 2.85 16.61 8.50
N VAL A 230 3.63 15.94 7.65
CA VAL A 230 5.03 15.68 7.90
C VAL A 230 5.85 16.42 6.84
N GLY A 231 6.91 17.09 7.28
CA GLY A 231 7.78 17.81 6.37
C GLY A 231 9.16 17.96 6.96
N ALA A 232 10.13 18.18 6.09
CA ALA A 232 11.51 18.44 6.48
C ALA A 232 11.80 19.93 6.40
N ASP A 233 12.75 20.38 7.22
CA ASP A 233 13.23 21.75 7.18
C ASP A 233 12.08 22.72 7.38
N PRO A 234 11.47 22.76 8.57
CA PRO A 234 10.30 23.59 8.77
C PRO A 234 10.62 25.07 8.57
N ASP A 235 9.56 25.83 8.33
CA ASP A 235 9.65 27.28 8.24
C ASP A 235 9.41 27.84 9.63
N GLU A 236 10.49 28.34 10.26
CA GLU A 236 10.44 28.80 11.64
C GLU A 236 9.30 29.78 11.90
N ARG A 237 8.84 30.48 10.87
CA ARG A 237 7.80 31.50 10.99
C ARG A 237 6.41 30.95 10.74
N ALA A 238 6.16 30.42 9.54
CA ALA A 238 4.82 29.99 9.16
C ALA A 238 4.42 28.63 9.72
N GLU A 239 5.37 27.87 10.26
CA GLU A 239 5.13 26.49 10.65
C GLU A 239 5.66 26.25 12.06
N ARG A 240 4.93 25.44 12.84
CA ARG A 240 5.33 25.12 14.20
C ARG A 240 5.49 23.62 14.37
N PRO A 241 6.72 23.12 14.53
CA PRO A 241 6.92 21.67 14.67
C PRO A 241 6.30 21.13 15.94
N LEU A 242 5.87 19.87 15.89
CA LEU A 242 5.29 19.16 17.03
C LEU A 242 6.11 17.95 17.46
N PHE A 243 6.62 17.17 16.52
CA PHE A 243 7.48 16.03 16.83
C PHE A 243 8.46 15.81 15.70
N GLN A 244 9.56 15.13 16.00
CA GLN A 244 10.55 14.75 15.01
C GLN A 244 10.63 13.23 14.90
N LEU A 245 10.69 12.76 13.66
CA LEU A 245 10.86 11.34 13.38
C LEU A 245 12.33 11.06 13.16
N VAL A 246 12.96 10.43 14.15
CA VAL A 246 14.40 10.18 14.12
C VAL A 246 14.74 8.91 13.34
N SER A 247 14.09 7.80 13.67
CA SER A 247 14.32 6.55 12.97
C SER A 247 13.01 5.79 12.87
N ALA A 248 12.99 4.79 12.00
CA ALA A 248 11.81 3.97 11.79
C ALA A 248 12.25 2.57 11.40
N ALA A 249 11.65 1.56 12.03
CA ALA A 249 12.04 0.18 11.80
C ALA A 249 10.84 -0.73 11.99
N GLN A 250 10.76 -1.76 11.15
CA GLN A 250 9.74 -2.79 11.22
C GLN A 250 10.42 -4.14 11.39
N THR A 251 9.75 -5.04 12.12
CA THR A 251 10.32 -6.35 12.37
C THR A 251 9.20 -7.34 12.63
N LEU A 252 9.46 -8.60 12.32
CA LEU A 252 8.53 -9.70 12.59
C LEU A 252 9.00 -10.48 13.82
N LEU A 253 8.04 -10.79 14.71
CA LEU A 253 8.35 -11.43 15.99
C LEU A 253 8.48 -12.93 15.82
N PRO A 254 9.49 -13.54 16.47
CA PRO A 254 9.71 -14.98 16.29
C PRO A 254 8.61 -15.80 16.96
N ASP A 255 8.33 -16.96 16.36
CA ASP A 255 7.35 -17.90 16.90
C ASP A 255 5.96 -17.30 17.00
N SER A 256 5.67 -16.30 16.16
CA SER A 256 4.40 -15.58 16.19
C SER A 256 3.55 -15.85 14.95
N GLU A 257 3.75 -16.99 14.28
CA GLU A 257 3.05 -17.29 13.04
C GLU A 257 1.58 -17.55 13.31
N GLY A 258 0.70 -16.82 12.64
CA GLY A 258 -0.72 -17.00 12.81
C GLY A 258 -1.30 -16.35 14.05
N ALA A 259 -0.52 -15.57 14.79
CA ALA A 259 -1.04 -14.91 15.97
C ALA A 259 -2.26 -14.05 15.63
N ILE A 260 -2.19 -13.32 14.52
CA ILE A 260 -3.26 -12.45 14.07
C ILE A 260 -3.40 -12.65 12.57
N ASP A 261 -4.53 -13.21 12.14
CA ASP A 261 -4.84 -13.38 10.73
C ASP A 261 -6.12 -12.63 10.39
N GLY A 262 -6.18 -12.09 9.18
CA GLY A 262 -7.34 -11.37 8.71
C GLY A 262 -7.60 -11.63 7.24
N HIS A 263 -8.77 -12.18 6.91
CA HIS A 263 -9.09 -12.58 5.55
C HIS A 263 -10.28 -11.79 5.05
N LEU A 264 -10.18 -11.26 3.84
CA LEU A 264 -11.26 -10.53 3.21
C LEU A 264 -12.05 -11.49 2.33
N ARG A 265 -13.23 -11.88 2.79
CA ARG A 265 -14.04 -12.89 2.13
C ARG A 265 -15.41 -12.31 1.80
N GLU A 266 -16.28 -13.16 1.22
CA GLU A 266 -17.61 -12.73 0.85
C GLU A 266 -18.48 -12.42 2.05
N VAL A 267 -18.07 -12.86 3.25
CA VAL A 267 -18.77 -12.51 4.48
C VAL A 267 -18.13 -11.29 5.16
N GLY A 268 -17.21 -10.61 4.48
CA GLY A 268 -16.51 -9.47 5.04
C GLY A 268 -15.11 -9.82 5.48
N LEU A 269 -14.51 -8.90 6.24
CA LEU A 269 -13.18 -9.10 6.82
C LEU A 269 -13.35 -9.84 8.14
N THR A 270 -12.80 -11.05 8.21
CA THR A 270 -12.83 -11.87 9.42
C THR A 270 -11.45 -11.89 10.04
N PHE A 271 -11.41 -11.76 11.37
CA PHE A 271 -10.17 -11.78 12.11
C PHE A 271 -10.06 -13.07 12.92
N HIS A 272 -8.85 -13.62 12.96
CA HIS A 272 -8.58 -14.86 13.67
C HIS A 272 -7.40 -14.65 14.61
N LEU A 273 -7.50 -15.23 15.80
CA LEU A 273 -6.51 -15.03 16.85
C LEU A 273 -5.95 -16.38 17.29
N LEU A 274 -4.64 -16.53 17.19
CA LEU A 274 -3.92 -17.66 17.74
C LEU A 274 -2.82 -17.15 18.64
N LYS A 275 -2.26 -18.03 19.45
CA LYS A 275 -1.12 -17.68 20.27
C LYS A 275 -1.45 -16.54 21.22
N ASP A 276 -0.46 -16.10 22.00
CA ASP A 276 -0.63 -15.08 23.02
C ASP A 276 -0.05 -13.78 22.50
N VAL A 277 -0.90 -12.93 21.94
CA VAL A 277 -0.41 -11.67 21.36
C VAL A 277 0.23 -10.77 22.41
N PRO A 278 -0.39 -10.52 23.56
CA PRO A 278 0.30 -9.68 24.57
C PRO A 278 1.57 -10.31 25.09
N GLY A 279 1.55 -11.61 25.36
CA GLY A 279 2.78 -12.28 25.80
C GLY A 279 3.89 -12.19 24.76
N LEU A 280 3.53 -12.32 23.48
CA LEU A 280 4.54 -12.26 22.43
C LEU A 280 5.10 -10.86 22.27
N ILE A 281 4.25 -9.85 22.35
CA ILE A 281 4.74 -8.47 22.27
C ILE A 281 5.56 -8.13 23.50
N SER A 282 5.13 -8.56 24.68
CA SER A 282 5.87 -8.29 25.90
C SER A 282 7.21 -9.02 25.90
N LYS A 283 7.25 -10.24 25.36
CA LYS A 283 8.48 -11.02 25.34
C LYS A 283 9.55 -10.38 24.46
N ASN A 284 9.15 -9.57 23.47
CA ASN A 284 10.09 -9.00 22.51
C ASN A 284 10.24 -7.49 22.62
N ILE A 285 9.44 -6.82 23.44
CA ILE A 285 9.44 -5.37 23.46
C ILE A 285 10.80 -4.81 23.85
N GLU A 286 11.52 -5.51 24.74
CA GLU A 286 12.81 -5.00 25.18
C GLU A 286 13.85 -5.06 24.06
N ARG A 287 13.79 -6.10 23.22
CA ARG A 287 14.69 -6.14 22.07
C ARG A 287 14.42 -4.99 21.12
N ALA A 288 13.14 -4.66 20.90
CA ALA A 288 12.82 -3.55 20.01
C ALA A 288 13.30 -2.23 20.60
N LEU A 289 13.12 -2.03 21.90
CA LEU A 289 13.62 -0.83 22.55
C LEU A 289 15.13 -0.73 22.42
N GLU A 290 15.84 -1.81 22.75
CA GLU A 290 17.30 -1.80 22.68
C GLU A 290 17.78 -1.55 21.26
N ALA A 291 17.15 -2.20 20.28
CA ALA A 291 17.56 -1.99 18.89
C ALA A 291 17.41 -0.52 18.49
N ALA A 292 16.37 0.14 18.99
CA ALA A 292 16.11 1.51 18.58
C ALA A 292 16.91 2.51 19.40
N PHE A 293 17.03 2.30 20.71
CA PHE A 293 17.57 3.32 21.61
C PHE A 293 19.01 3.08 22.04
N ALA A 294 19.52 1.85 21.92
CA ALA A 294 20.92 1.62 22.27
C ALA A 294 21.86 2.46 21.42
N PRO A 295 21.70 2.56 20.11
CA PRO A 295 22.59 3.43 19.31
C PRO A 295 22.45 4.91 19.66
N LEU A 296 21.47 5.27 20.48
CA LEU A 296 21.29 6.65 20.91
C LEU A 296 21.81 6.90 22.32
N GLY A 297 22.21 5.85 23.05
CA GLY A 297 22.67 6.00 24.41
C GLY A 297 21.57 6.03 25.45
N ILE A 298 20.36 5.57 25.11
CA ILE A 298 19.23 5.60 26.01
C ILE A 298 18.93 4.17 26.47
N SER A 299 18.63 4.04 27.76
CA SER A 299 18.23 2.75 28.31
C SER A 299 17.21 2.87 29.44
N ASP A 300 16.75 4.07 29.80
CA ASP A 300 15.76 4.27 30.85
C ASP A 300 14.41 4.51 30.19
N TRP A 301 13.69 3.42 29.90
CA TRP A 301 12.39 3.54 29.25
C TRP A 301 11.43 4.43 30.04
N ASN A 302 11.68 4.62 31.34
CA ASN A 302 10.82 5.49 32.14
C ASN A 302 11.01 6.97 31.81
N SER A 303 12.14 7.33 31.17
CA SER A 303 12.46 8.71 30.89
C SER A 303 12.28 9.07 29.42
N ILE A 304 11.43 8.33 28.70
CA ILE A 304 11.01 8.66 27.36
C ILE A 304 9.50 8.53 27.30
N PHE A 305 8.85 9.37 26.51
CA PHE A 305 7.40 9.27 26.38
C PHE A 305 7.04 8.11 25.47
N TRP A 306 5.83 7.57 25.67
CA TRP A 306 5.41 6.34 25.04
C TRP A 306 4.13 6.57 24.23
N VAL A 307 4.09 5.98 23.04
CA VAL A 307 2.90 5.95 22.18
C VAL A 307 2.81 4.53 21.67
N ALA A 308 1.97 3.71 22.31
CA ALA A 308 1.84 2.30 21.99
C ALA A 308 0.45 2.04 21.43
N HIS A 309 0.39 1.31 20.33
CA HIS A 309 -0.91 0.97 19.74
C HIS A 309 -1.72 0.19 20.76
N PRO A 310 -2.89 0.67 21.17
CA PRO A 310 -3.68 -0.02 22.20
C PRO A 310 -4.51 -1.16 21.64
N GLY A 311 -3.84 -2.14 21.04
CA GLY A 311 -4.55 -3.29 20.49
C GLY A 311 -5.49 -3.94 21.48
N GLY A 312 -5.20 -3.81 22.77
CA GLY A 312 -6.03 -4.33 23.82
C GLY A 312 -5.42 -4.02 25.17
N PRO A 313 -6.25 -4.04 26.23
CA PRO A 313 -5.72 -3.68 27.55
C PRO A 313 -4.61 -4.60 28.02
N ALA A 314 -4.73 -5.90 27.77
CA ALA A 314 -3.69 -6.84 28.20
C ALA A 314 -2.34 -6.48 27.62
N ILE A 315 -2.31 -6.07 26.34
CA ILE A 315 -1.03 -5.70 25.71
C ILE A 315 -0.34 -4.62 26.51
N LEU A 316 -1.06 -3.53 26.81
CA LEU A 316 -0.47 -2.44 27.59
C LEU A 316 -0.03 -2.92 28.96
N ASP A 317 -0.90 -3.66 29.66
CA ASP A 317 -0.57 -4.14 30.99
C ASP A 317 0.71 -4.98 30.98
N GLN A 318 0.83 -5.91 30.03
CA GLN A 318 1.95 -6.82 30.05
C GLN A 318 3.24 -6.14 29.59
N VAL A 319 3.16 -5.25 28.60
CA VAL A 319 4.34 -4.48 28.23
C VAL A 319 4.77 -3.60 29.38
N GLU A 320 3.81 -2.91 30.01
CA GLU A 320 4.13 -2.03 31.13
C GLU A 320 4.75 -2.82 32.28
N ALA A 321 4.27 -4.03 32.52
CA ALA A 321 4.85 -4.85 33.58
C ALA A 321 6.22 -5.40 33.20
N LYS A 322 6.44 -5.71 31.92
CA LYS A 322 7.71 -6.29 31.50
C LYS A 322 8.87 -5.35 31.83
N VAL A 323 8.72 -4.06 31.52
CA VAL A 323 9.78 -3.08 31.71
C VAL A 323 9.57 -2.24 32.97
N SER A 324 8.65 -2.63 33.84
CA SER A 324 8.37 -1.89 35.07
C SER A 324 8.14 -0.41 34.77
N LEU A 325 7.33 -0.15 33.76
CA LEU A 325 7.10 1.21 33.29
C LEU A 325 6.37 2.03 34.36
N ASP A 326 6.85 3.26 34.56
CA ASP A 326 6.09 4.23 35.35
C ASP A 326 4.67 4.33 34.81
N LYS A 327 3.69 4.09 35.65
CA LYS A 327 2.28 4.04 35.18
C LYS A 327 1.90 5.33 34.43
N ALA A 328 2.58 6.44 34.66
CA ALA A 328 2.24 7.65 33.92
C ALA A 328 2.62 7.58 32.45
N ARG A 329 3.45 6.61 32.05
CA ARG A 329 3.93 6.56 30.68
C ARG A 329 2.87 6.09 29.69
N MET A 330 1.82 5.43 30.17
CA MET A 330 0.76 4.92 29.30
C MET A 330 -0.54 5.69 29.45
N ARG A 331 -0.55 6.79 30.21
CA ARG A 331 -1.80 7.50 30.47
C ARG A 331 -2.42 8.00 29.18
N ALA A 332 -1.60 8.48 28.24
CA ALA A 332 -2.14 8.97 26.98
C ALA A 332 -2.66 7.83 26.13
N THR A 333 -1.87 6.76 25.98
CA THR A 333 -2.33 5.58 25.26
C THR A 333 -3.64 5.06 25.84
N ARG A 334 -3.68 4.86 27.16
CA ARG A 334 -4.86 4.27 27.78
C ARG A 334 -6.06 5.19 27.71
N HIS A 335 -5.85 6.50 27.72
CA HIS A 335 -6.98 7.42 27.60
C HIS A 335 -7.62 7.29 26.23
N VAL A 336 -6.81 7.33 25.16
CA VAL A 336 -7.32 7.16 23.81
C VAL A 336 -8.09 5.85 23.70
N LEU A 337 -7.56 4.78 24.30
CA LEU A 337 -8.27 3.50 24.31
C LEU A 337 -9.61 3.63 25.02
N ALA A 338 -9.63 4.28 26.18
CA ALA A 338 -10.86 4.40 26.94
C ALA A 338 -11.92 5.20 26.19
N GLU A 339 -11.51 6.29 25.54
CA GLU A 339 -12.45 7.21 24.93
C GLU A 339 -12.76 6.89 23.47
N TYR A 340 -12.03 5.96 22.86
CA TYR A 340 -12.19 5.68 21.44
C TYR A 340 -12.16 4.20 21.07
N GLY A 341 -11.61 3.32 21.90
CA GLY A 341 -11.46 1.94 21.52
C GLY A 341 -10.25 1.74 20.61
N ASN A 342 -10.19 0.55 20.02
CA ASN A 342 -9.11 0.16 19.14
C ASN A 342 -9.47 0.58 17.72
N MET A 343 -8.92 1.71 17.28
CA MET A 343 -9.18 2.24 15.94
C MET A 343 -8.14 1.81 14.92
N SER A 344 -7.51 0.66 15.13
CA SER A 344 -6.57 0.04 14.18
C SER A 344 -5.45 1.06 13.90
N SER A 345 -5.09 1.29 12.63
CA SER A 345 -3.86 2.03 12.33
C SER A 345 -3.90 3.44 12.90
N ALA A 346 -5.07 4.07 12.97
CA ALA A 346 -5.15 5.47 13.38
C ALA A 346 -4.88 5.68 14.87
N CYS A 347 -4.87 4.61 15.67
CA CYS A 347 -4.78 4.75 17.13
C CYS A 347 -3.57 5.57 17.53
N VAL A 348 -2.36 5.12 17.15
CA VAL A 348 -1.15 5.78 17.60
C VAL A 348 -1.16 7.25 17.23
N LEU A 349 -1.83 7.62 16.12
CA LEU A 349 -1.89 9.03 15.74
C LEU A 349 -2.81 9.81 16.67
N PHE A 350 -3.96 9.21 17.03
CA PHE A 350 -4.79 9.80 18.07
C PHE A 350 -3.99 10.01 19.36
N ILE A 351 -3.18 9.02 19.73
CA ILE A 351 -2.42 9.11 20.97
C ILE A 351 -1.40 10.24 20.91
N LEU A 352 -0.74 10.40 19.77
CA LEU A 352 0.15 11.54 19.58
C LEU A 352 -0.57 12.85 19.83
N ASP A 353 -1.72 13.04 19.20
CA ASP A 353 -2.47 14.27 19.38
C ASP A 353 -2.82 14.50 20.85
N GLU A 354 -3.26 13.45 21.55
CA GLU A 354 -3.63 13.61 22.95
C GLU A 354 -2.40 13.86 23.83
N MET A 355 -1.22 13.40 23.41
CA MET A 355 -0.01 13.65 24.18
C MET A 355 0.35 15.12 24.19
N ARG A 356 0.53 15.71 23.00
CA ARG A 356 0.92 17.11 22.93
C ARG A 356 -0.14 18.02 23.54
N LYS A 357 -1.42 17.64 23.44
CA LYS A 357 -2.48 18.48 23.98
C LYS A 357 -2.49 18.43 25.51
N ARG A 358 -2.41 17.22 26.08
CA ARG A 358 -2.25 17.11 27.52
C ARG A 358 -0.95 17.77 27.98
N SER A 359 0.10 17.70 27.16
CA SER A 359 1.35 18.38 27.48
C SER A 359 1.17 19.89 27.54
N ALA A 360 0.24 20.42 26.75
CA ALA A 360 0.05 21.87 26.69
C ALA A 360 -0.64 22.39 27.95
N GLU A 361 -1.80 21.85 28.28
CA GLU A 361 -2.56 22.33 29.43
C GLU A 361 -1.97 21.89 30.76
N ASP A 362 -0.88 21.14 30.75
CA ASP A 362 -0.19 20.75 31.97
C ASP A 362 1.02 21.62 32.28
N GLY A 363 1.42 22.48 31.33
CA GLY A 363 2.63 23.26 31.53
C GLY A 363 3.90 22.45 31.37
N CYS A 364 3.88 21.43 30.50
CA CYS A 364 5.06 20.61 30.30
C CYS A 364 6.04 21.33 29.37
N ALA A 365 7.33 21.14 29.65
CA ALA A 365 8.37 21.82 28.89
C ALA A 365 8.42 21.39 27.43
N THR A 366 7.90 20.20 27.12
CA THR A 366 7.95 19.66 25.76
C THR A 366 6.59 19.10 25.38
N THR A 367 6.43 18.85 24.07
CA THR A 367 5.25 18.16 23.58
C THR A 367 5.24 16.68 23.93
N GLY A 368 6.36 16.15 24.40
CA GLY A 368 6.43 14.77 24.84
C GLY A 368 6.37 14.66 26.35
N GLU A 369 5.35 15.28 26.96
CA GLU A 369 5.14 15.21 28.41
C GLU A 369 6.36 15.70 29.18
N GLY A 370 7.09 16.66 28.61
CA GLY A 370 8.29 17.18 29.23
C GLY A 370 9.57 16.46 28.87
N LEU A 371 9.49 15.27 28.29
CA LEU A 371 10.66 14.48 27.96
C LEU A 371 11.14 14.81 26.54
N ASP A 372 12.36 14.39 26.23
CA ASP A 372 13.02 14.74 24.98
C ASP A 372 12.86 13.66 23.91
N TRP A 373 13.13 12.41 24.26
CA TRP A 373 13.03 11.30 23.33
C TRP A 373 11.80 10.45 23.65
N GLY A 374 11.23 9.83 22.61
CA GLY A 374 10.04 9.02 22.77
C GLY A 374 10.06 7.85 21.82
N VAL A 375 9.07 6.98 21.97
CA VAL A 375 8.93 5.80 21.12
C VAL A 375 7.47 5.63 20.74
N LEU A 376 7.24 5.30 19.47
CA LEU A 376 5.91 4.98 18.96
C LEU A 376 5.93 3.54 18.47
N PHE A 377 5.02 2.73 18.98
CA PHE A 377 4.96 1.31 18.65
C PHE A 377 3.67 1.01 17.90
N GLY A 378 3.78 0.24 16.82
CA GLY A 378 2.61 -0.29 16.14
C GLY A 378 2.62 -1.80 16.17
N PHE A 379 1.49 -2.42 16.51
CA PHE A 379 1.38 -3.88 16.62
C PHE A 379 0.27 -4.38 15.69
N GLY A 380 0.56 -5.47 14.98
CA GLY A 380 -0.40 -6.02 14.05
C GLY A 380 -0.04 -7.38 13.48
N PRO A 381 -0.77 -7.78 12.44
CA PRO A 381 -0.63 -9.14 11.90
C PRO A 381 0.79 -9.50 11.49
N GLY A 382 1.05 -10.80 11.49
CA GLY A 382 2.39 -11.33 11.37
C GLY A 382 3.16 -11.21 12.66
N LEU A 383 2.48 -10.86 13.74
CA LEU A 383 3.12 -10.20 14.87
C LEU A 383 4.19 -9.28 14.32
N THR A 384 3.75 -8.23 13.64
CA THR A 384 4.63 -7.18 13.15
C THR A 384 4.71 -6.08 14.22
N VAL A 385 5.92 -5.62 14.47
CA VAL A 385 6.14 -4.49 15.36
C VAL A 385 6.82 -3.39 14.56
N GLU A 386 6.17 -2.23 14.50
CA GLU A 386 6.78 -1.02 13.96
C GLU A 386 7.28 -0.19 15.13
N THR A 387 8.53 0.27 15.04
CA THR A 387 9.16 1.09 16.08
C THR A 387 9.64 2.39 15.47
N VAL A 388 9.07 3.50 15.93
CA VAL A 388 9.46 4.82 15.47
C VAL A 388 10.02 5.59 16.65
N VAL A 389 11.28 6.01 16.54
CA VAL A 389 11.90 6.85 17.56
C VAL A 389 11.52 8.30 17.30
N LEU A 390 10.97 8.96 18.32
CA LEU A 390 10.50 10.33 18.22
C LEU A 390 11.36 11.26 19.06
N HIS A 391 11.20 12.56 18.82
CA HIS A 391 11.78 13.58 19.67
C HIS A 391 10.79 14.74 19.80
N SER A 392 10.47 15.08 21.05
CA SER A 392 9.51 16.14 21.32
C SER A 392 10.05 17.49 20.87
N VAL A 393 9.23 18.52 21.06
CA VAL A 393 9.59 19.89 20.70
C VAL A 393 9.33 20.78 21.91
N PRO A 394 10.23 21.71 22.23
CA PRO A 394 10.01 22.56 23.40
C PRO A 394 8.70 23.32 23.29
N ILE A 395 7.99 23.42 24.41
CA ILE A 395 6.77 24.21 24.47
C ILE A 395 7.08 25.57 25.08
N ALA B 6 20.48 10.82 23.61
CA ALA B 6 21.15 11.49 24.72
C ALA B 6 22.56 11.92 24.33
N ALA B 7 23.28 11.03 23.66
CA ALA B 7 24.63 11.36 23.20
C ALA B 7 24.59 12.12 21.88
N VAL B 8 23.98 11.52 20.87
CA VAL B 8 23.94 12.08 19.53
C VAL B 8 22.70 12.96 19.39
N THR B 9 22.76 13.92 18.49
CA THR B 9 21.60 14.74 18.15
C THR B 9 20.89 14.16 16.94
N VAL B 10 19.65 14.62 16.73
CA VAL B 10 18.88 14.15 15.58
C VAL B 10 19.58 14.50 14.28
N GLU B 11 20.13 15.72 14.20
CA GLU B 11 20.87 16.13 13.02
C GLU B 11 22.06 15.22 12.76
N GLU B 12 22.70 14.74 13.84
CA GLU B 12 23.80 13.78 13.68
C GLU B 12 23.30 12.44 13.19
N VAL B 13 22.16 11.98 13.70
CA VAL B 13 21.55 10.76 13.18
C VAL B 13 21.20 10.95 11.71
N ARG B 14 20.46 12.02 11.38
CA ARG B 14 20.10 12.29 10.00
C ARG B 14 21.33 12.28 9.09
N LYS B 15 22.38 12.98 9.50
CA LYS B 15 23.61 13.00 8.72
C LYS B 15 24.15 11.60 8.50
N ALA B 16 24.14 10.77 9.55
CA ALA B 16 24.65 9.41 9.43
C ALA B 16 23.64 8.50 8.72
N GLN B 17 22.36 8.66 9.02
CA GLN B 17 21.33 7.78 8.48
C GLN B 17 21.26 7.85 6.96
N ARG B 18 21.47 9.03 6.38
CA ARG B 18 21.15 9.29 5.00
C ARG B 18 22.18 8.65 4.06
N ALA B 19 21.73 8.33 2.85
CA ALA B 19 22.60 7.79 1.81
C ALA B 19 23.05 8.90 0.88
N SER B 20 23.97 8.55 -0.03
CA SER B 20 24.44 9.44 -1.07
C SER B 20 24.21 8.79 -2.43
N GLY B 21 24.14 9.62 -3.46
CA GLY B 21 23.95 9.12 -4.80
C GLY B 21 22.52 8.70 -5.07
N PRO B 22 22.20 8.43 -6.32
CA PRO B 22 20.81 8.15 -6.70
C PRO B 22 20.47 6.66 -6.62
N ALA B 23 19.20 6.41 -6.34
CA ALA B 23 18.69 5.04 -6.41
C ALA B 23 19.05 4.43 -7.76
N THR B 24 19.56 3.22 -7.73
CA THR B 24 20.03 2.54 -8.93
C THR B 24 19.47 1.12 -8.99
N VAL B 25 19.08 0.69 -10.19
CA VAL B 25 18.59 -0.66 -10.40
C VAL B 25 19.79 -1.58 -10.54
N LEU B 26 19.98 -2.48 -9.57
CA LEU B 26 21.11 -3.38 -9.54
C LEU B 26 20.84 -4.71 -10.22
N ALA B 27 19.58 -5.03 -10.48
CA ALA B 27 19.23 -6.32 -11.06
C ALA B 27 17.73 -6.38 -11.34
N ILE B 28 17.34 -7.15 -12.34
CA ILE B 28 15.93 -7.30 -12.74
C ILE B 28 15.68 -8.78 -13.02
N GLY B 29 14.60 -9.31 -12.47
CA GLY B 29 14.22 -10.69 -12.74
C GLY B 29 12.73 -10.83 -12.99
N THR B 30 12.35 -11.68 -13.95
CA THR B 30 10.96 -11.86 -14.32
C THR B 30 10.57 -13.33 -14.22
N ALA B 31 9.27 -13.57 -14.04
CA ALA B 31 8.75 -14.93 -13.96
C ALA B 31 7.28 -14.91 -14.34
N THR B 32 6.80 -16.03 -14.87
CA THR B 32 5.42 -16.22 -15.24
C THR B 32 5.00 -17.64 -14.87
N PRO B 33 3.70 -17.89 -14.72
CA PRO B 33 3.23 -19.28 -14.61
C PRO B 33 3.68 -20.08 -15.81
N ALA B 34 3.77 -21.40 -15.62
CA ALA B 34 4.17 -22.27 -16.71
C ALA B 34 3.11 -22.32 -17.81
N ASN B 35 1.84 -22.45 -17.43
CA ASN B 35 0.76 -22.60 -18.39
C ASN B 35 0.73 -21.42 -19.35
N CYS B 36 0.82 -21.71 -20.64
CA CYS B 36 0.91 -20.69 -21.68
C CYS B 36 -0.26 -20.85 -22.65
N VAL B 37 -1.04 -19.78 -22.81
CA VAL B 37 -2.17 -19.75 -23.73
C VAL B 37 -1.80 -18.84 -24.89
N HIS B 38 -1.89 -19.36 -26.11
CA HIS B 38 -1.58 -18.60 -27.30
C HIS B 38 -2.80 -17.81 -27.76
N GLN B 39 -2.57 -16.55 -28.10
CA GLN B 39 -3.69 -15.65 -28.39
C GLN B 39 -4.50 -16.12 -29.59
N ALA B 40 -3.82 -16.71 -30.58
CA ALA B 40 -4.52 -17.20 -31.76
C ALA B 40 -5.54 -18.27 -31.41
N ASP B 41 -5.37 -18.95 -30.29
CA ASP B 41 -6.27 -20.02 -29.88
C ASP B 41 -7.18 -19.63 -28.74
N TYR B 42 -7.12 -18.39 -28.26
CA TYR B 42 -7.84 -18.04 -27.04
C TYR B 42 -9.34 -17.89 -27.24
N PRO B 43 -9.80 -17.30 -28.36
CA PRO B 43 -11.25 -17.23 -28.57
C PRO B 43 -11.94 -18.58 -28.47
N ASP B 44 -11.35 -19.63 -29.03
CA ASP B 44 -11.94 -20.96 -28.91
C ASP B 44 -11.81 -21.51 -27.49
N TYR B 45 -10.62 -21.38 -26.90
CA TYR B 45 -10.42 -21.86 -25.53
C TYR B 45 -11.33 -21.15 -24.55
N TYR B 46 -11.33 -19.82 -24.59
CA TYR B 46 -12.09 -19.04 -23.62
C TYR B 46 -13.58 -19.31 -23.74
N PHE B 47 -14.10 -19.31 -24.97
CA PHE B 47 -15.53 -19.52 -25.15
C PHE B 47 -15.96 -20.94 -24.86
N ARG B 48 -15.04 -21.90 -24.91
CA ARG B 48 -15.38 -23.28 -24.54
C ARG B 48 -15.44 -23.44 -23.03
N VAL B 49 -14.43 -22.95 -22.30
CA VAL B 49 -14.39 -23.14 -20.86
C VAL B 49 -15.49 -22.35 -20.15
N THR B 50 -16.01 -21.29 -20.76
CA THR B 50 -17.10 -20.52 -20.18
C THR B 50 -18.47 -20.93 -20.73
N LYS B 51 -18.53 -21.99 -21.52
CA LYS B 51 -19.77 -22.49 -22.10
C LYS B 51 -20.57 -21.35 -22.75
N SER B 52 -19.93 -20.73 -23.75
CA SER B 52 -20.52 -19.58 -24.43
C SER B 52 -20.40 -19.68 -25.95
N ASP B 53 -20.16 -20.88 -26.48
CA ASP B 53 -20.03 -21.05 -27.93
C ASP B 53 -21.33 -20.77 -28.67
N HIS B 54 -22.47 -20.77 -27.96
CA HIS B 54 -23.74 -20.47 -28.62
C HIS B 54 -23.92 -18.98 -28.90
N LEU B 55 -23.14 -18.11 -28.24
CA LEU B 55 -23.21 -16.67 -28.50
C LEU B 55 -22.26 -16.32 -29.65
N THR B 56 -22.67 -16.77 -30.85
CA THR B 56 -21.79 -16.69 -32.01
C THR B 56 -21.35 -15.25 -32.28
N ASP B 57 -22.30 -14.31 -32.27
CA ASP B 57 -21.94 -12.92 -32.54
C ASP B 57 -20.95 -12.41 -31.49
N LEU B 58 -21.11 -12.84 -30.24
CA LEU B 58 -20.19 -12.41 -29.19
C LEU B 58 -18.79 -12.99 -29.40
N LYS B 59 -18.72 -14.25 -29.86
CA LYS B 59 -17.42 -14.84 -30.12
C LYS B 59 -16.73 -14.17 -31.31
N GLU B 60 -17.49 -13.80 -32.34
CA GLU B 60 -16.90 -13.11 -33.47
C GLU B 60 -16.25 -11.80 -33.04
N LYS B 61 -16.90 -11.06 -32.14
CA LYS B 61 -16.32 -9.81 -31.65
C LYS B 61 -15.09 -10.07 -30.80
N PHE B 62 -15.09 -11.16 -30.03
CA PHE B 62 -13.91 -11.48 -29.23
C PHE B 62 -12.74 -11.92 -30.10
N LYS B 63 -13.02 -12.53 -31.26
CA LYS B 63 -11.94 -12.89 -32.18
C LYS B 63 -11.24 -11.64 -32.71
N ARG B 64 -12.02 -10.67 -33.17
CA ARG B 64 -11.44 -9.41 -33.62
C ARG B 64 -10.75 -8.67 -32.47
N MET B 65 -11.33 -8.77 -31.28
CA MET B 65 -10.72 -8.16 -30.11
C MET B 65 -9.31 -8.73 -29.90
N CYS B 66 -9.18 -10.06 -29.93
CA CYS B 66 -7.88 -10.68 -29.76
C CYS B 66 -6.97 -10.39 -30.95
N ASP B 67 -7.54 -10.22 -32.15
CA ASP B 67 -6.72 -9.88 -33.31
C ASP B 67 -6.10 -8.50 -33.18
N LYS B 68 -6.88 -7.53 -32.67
CA LYS B 68 -6.36 -6.18 -32.48
C LYS B 68 -5.41 -6.09 -31.30
N SER B 69 -5.40 -7.09 -30.41
CA SER B 69 -4.67 -6.98 -29.15
C SER B 69 -3.17 -6.83 -29.34
N MET B 70 -2.64 -7.27 -30.48
CA MET B 70 -1.19 -7.26 -30.71
C MET B 70 -0.45 -8.14 -29.69
N ILE B 71 -1.16 -9.13 -29.15
CA ILE B 71 -0.59 -10.06 -28.18
C ILE B 71 -0.45 -11.42 -28.87
N ARG B 72 0.74 -11.99 -28.77
CA ARG B 72 0.99 -13.30 -29.38
C ARG B 72 0.68 -14.45 -28.42
N LYS B 73 0.97 -14.27 -27.13
CA LYS B 73 0.71 -15.32 -26.15
C LYS B 73 0.66 -14.70 -24.76
N ARG B 74 0.08 -15.45 -23.82
CA ARG B 74 0.01 -15.07 -22.42
C ARG B 74 0.21 -16.31 -21.56
N TYR B 75 0.55 -16.06 -20.29
CA TYR B 75 0.69 -17.11 -19.30
C TYR B 75 -0.37 -16.91 -18.22
N MET B 76 -1.03 -18.00 -17.84
CA MET B 76 -2.12 -17.91 -16.87
C MET B 76 -2.07 -19.10 -15.93
N HIS B 77 -2.11 -18.83 -14.62
CA HIS B 77 -2.17 -19.90 -13.65
C HIS B 77 -3.44 -20.72 -13.80
N LEU B 78 -4.55 -20.05 -14.13
CA LEU B 78 -5.80 -20.76 -14.35
C LEU B 78 -5.65 -21.76 -15.49
N THR B 79 -6.10 -22.99 -15.25
CA THR B 79 -6.06 -24.05 -16.25
C THR B 79 -7.48 -24.51 -16.54
N GLU B 80 -7.64 -25.13 -17.71
CA GLU B 80 -8.95 -25.66 -18.08
C GLU B 80 -9.45 -26.66 -17.04
N GLU B 81 -8.58 -27.56 -16.58
CA GLU B 81 -8.98 -28.54 -15.58
C GLU B 81 -9.56 -27.87 -14.34
N PHE B 82 -8.86 -26.86 -13.82
CA PHE B 82 -9.38 -26.12 -12.66
C PHE B 82 -10.70 -25.44 -13.01
N LEU B 83 -10.73 -24.69 -14.12
CA LEU B 83 -11.94 -23.95 -14.46
C LEU B 83 -13.14 -24.87 -14.61
N ALA B 84 -12.92 -26.10 -15.08
CA ALA B 84 -14.02 -27.05 -15.16
C ALA B 84 -14.63 -27.33 -13.79
N GLU B 85 -13.84 -27.25 -12.72
CA GLU B 85 -14.31 -27.51 -11.37
C GLU B 85 -14.91 -26.29 -10.69
N ASN B 86 -14.83 -25.11 -11.30
CA ASN B 86 -15.23 -23.86 -10.67
C ASN B 86 -16.08 -23.03 -11.62
N PRO B 87 -17.30 -23.49 -11.93
CA PRO B 87 -18.16 -22.72 -12.84
C PRO B 87 -18.48 -21.32 -12.34
N ASN B 88 -18.36 -21.06 -11.03
CA ASN B 88 -18.67 -19.72 -10.53
C ASN B 88 -17.65 -18.70 -11.01
N MET B 89 -16.43 -19.12 -11.31
CA MET B 89 -15.45 -18.23 -11.93
C MET B 89 -15.54 -18.23 -13.45
N CYS B 90 -16.37 -19.11 -14.02
CA CYS B 90 -16.53 -19.16 -15.48
C CYS B 90 -17.72 -18.33 -15.96
N ALA B 91 -18.72 -18.12 -15.11
CA ALA B 91 -19.81 -17.23 -15.46
C ALA B 91 -19.36 -15.78 -15.38
N TYR B 92 -20.16 -14.89 -15.98
CA TYR B 92 -19.81 -13.47 -15.97
C TYR B 92 -19.95 -12.87 -14.58
N MET B 93 -21.09 -13.13 -13.92
CA MET B 93 -21.39 -12.57 -12.61
C MET B 93 -21.92 -13.69 -11.72
N ALA B 94 -21.03 -14.28 -10.90
CA ALA B 94 -21.44 -15.30 -9.96
C ALA B 94 -20.56 -15.18 -8.71
N PRO B 95 -21.15 -15.22 -7.51
CA PRO B 95 -20.33 -15.15 -6.28
C PRO B 95 -19.17 -16.12 -6.34
N SER B 96 -17.95 -15.62 -6.20
CA SER B 96 -16.78 -16.47 -6.40
C SER B 96 -15.51 -15.85 -5.84
N LEU B 97 -15.64 -14.76 -5.08
CA LEU B 97 -14.45 -14.09 -4.55
C LEU B 97 -13.67 -15.01 -3.62
N ASP B 98 -14.36 -15.81 -2.81
CA ASP B 98 -13.66 -16.73 -1.92
C ASP B 98 -12.79 -17.69 -2.72
N ALA B 99 -13.34 -18.29 -3.78
CA ALA B 99 -12.56 -19.18 -4.63
C ALA B 99 -11.36 -18.44 -5.22
N ARG B 100 -11.57 -17.22 -5.68
CA ARG B 100 -10.48 -16.47 -6.29
C ARG B 100 -9.40 -16.13 -5.28
N GLN B 101 -9.81 -15.68 -4.08
CA GLN B 101 -8.83 -15.33 -3.05
C GLN B 101 -8.00 -16.54 -2.65
N ASP B 102 -8.63 -17.71 -2.54
CA ASP B 102 -7.89 -18.92 -2.18
C ASP B 102 -6.74 -19.18 -3.13
N ILE B 103 -6.87 -18.75 -4.39
CA ILE B 103 -5.79 -18.91 -5.35
C ILE B 103 -4.74 -17.82 -5.19
N VAL B 104 -5.16 -16.55 -5.24
CA VAL B 104 -4.19 -15.47 -5.37
C VAL B 104 -3.43 -15.25 -4.08
N VAL B 105 -4.07 -15.42 -2.92
CA VAL B 105 -3.34 -15.20 -1.66
C VAL B 105 -2.20 -16.19 -1.53
N VAL B 106 -2.25 -17.29 -2.28
CA VAL B 106 -1.18 -18.28 -2.29
C VAL B 106 -0.24 -18.08 -3.47
N GLU B 107 -0.79 -18.06 -4.68
CA GLU B 107 0.03 -18.08 -5.89
C GLU B 107 0.72 -16.74 -6.17
N VAL B 108 0.17 -15.63 -5.70
CA VAL B 108 0.77 -14.32 -5.96
C VAL B 108 2.11 -14.23 -5.24
N PRO B 109 2.19 -14.59 -3.96
CA PRO B 109 3.52 -14.64 -3.31
C PRO B 109 4.43 -15.69 -3.92
N LYS B 110 3.89 -16.86 -4.25
CA LYS B 110 4.72 -17.91 -4.82
C LYS B 110 5.37 -17.48 -6.13
N LEU B 111 4.60 -16.79 -6.99
CA LEU B 111 5.15 -16.32 -8.25
C LEU B 111 6.14 -15.17 -8.04
N GLY B 112 5.91 -14.33 -7.03
CA GLY B 112 6.86 -13.28 -6.73
C GLY B 112 8.19 -13.83 -6.25
N LYS B 113 8.17 -14.99 -5.59
CA LYS B 113 9.42 -15.61 -5.14
C LYS B 113 10.26 -16.06 -6.33
N ALA B 114 9.63 -16.65 -7.35
CA ALA B 114 10.35 -17.03 -8.55
C ALA B 114 11.02 -15.82 -9.21
N ALA B 115 10.32 -14.69 -9.26
CA ALA B 115 10.88 -13.50 -9.88
C ALA B 115 11.99 -12.90 -9.02
N ALA B 116 11.79 -12.83 -7.71
CA ALA B 116 12.81 -12.28 -6.83
C ALA B 116 14.04 -13.19 -6.76
N GLN B 117 13.83 -14.50 -6.85
CA GLN B 117 14.96 -15.43 -6.85
C GLN B 117 15.89 -15.16 -8.03
N LYS B 118 15.31 -14.91 -9.22
CA LYS B 118 16.14 -14.58 -10.37
C LYS B 118 16.88 -13.27 -10.16
N ALA B 119 16.17 -12.25 -9.66
CA ALA B 119 16.80 -10.96 -9.41
C ALA B 119 17.93 -11.08 -8.40
N LEU B 120 17.76 -11.92 -7.39
CA LEU B 120 18.80 -12.08 -6.37
C LEU B 120 20.00 -12.83 -6.93
N LYS B 121 19.76 -13.84 -7.77
CA LYS B 121 20.87 -14.58 -8.35
C LYS B 121 21.72 -13.70 -9.26
N GLU B 122 21.07 -12.88 -10.10
CA GLU B 122 21.83 -11.91 -10.88
C GLU B 122 22.53 -10.91 -9.99
N TRP B 123 21.89 -10.51 -8.89
CA TRP B 123 22.51 -9.57 -7.95
C TRP B 123 23.81 -10.15 -7.40
N GLY B 124 23.81 -11.44 -7.07
CA GLY B 124 24.99 -12.11 -6.54
C GLY B 124 25.21 -11.96 -5.06
N GLN B 125 24.58 -10.98 -4.41
CA GLN B 125 24.72 -10.80 -2.98
C GLN B 125 23.74 -11.69 -2.22
N PRO B 126 24.02 -11.98 -0.95
CA PRO B 126 23.11 -12.82 -0.17
C PRO B 126 21.84 -12.09 0.20
N ARG B 127 20.74 -12.86 0.24
CA ARG B 127 19.43 -12.30 0.59
C ARG B 127 19.49 -11.49 1.88
N SER B 128 20.40 -11.84 2.79
CA SER B 128 20.47 -11.14 4.07
C SER B 128 20.77 -9.66 3.90
N ARG B 129 21.37 -9.24 2.79
CA ARG B 129 21.63 -7.83 2.61
C ARG B 129 20.37 -7.04 2.29
N ILE B 130 19.29 -7.70 1.90
CA ILE B 130 18.04 -6.99 1.60
C ILE B 130 17.51 -6.36 2.88
N THR B 131 17.32 -5.03 2.86
CA THR B 131 16.79 -4.31 4.01
C THR B 131 15.37 -3.81 3.82
N HIS B 132 14.89 -3.70 2.58
CA HIS B 132 13.56 -3.19 2.30
C HIS B 132 12.87 -4.11 1.29
N LEU B 133 11.60 -4.39 1.52
CA LEU B 133 10.78 -5.14 0.57
C LEU B 133 9.55 -4.30 0.22
N VAL B 134 9.39 -4.01 -1.06
CA VAL B 134 8.20 -3.36 -1.59
C VAL B 134 7.48 -4.39 -2.45
N PHE B 135 6.34 -4.88 -1.96
CA PHE B 135 5.54 -5.86 -2.68
C PHE B 135 4.28 -5.19 -3.19
N CYS B 136 4.00 -5.36 -4.48
CA CYS B 136 2.86 -4.72 -5.12
C CYS B 136 2.08 -5.74 -5.92
N THR B 137 0.78 -5.80 -5.68
CA THR B 137 -0.11 -6.66 -6.46
C THR B 137 -1.49 -6.02 -6.52
N THR B 138 -2.25 -6.41 -7.54
CA THR B 138 -3.66 -6.06 -7.65
C THR B 138 -4.54 -7.29 -7.63
N SER B 139 -4.00 -8.45 -7.26
CA SER B 139 -4.71 -9.73 -7.29
C SER B 139 -4.86 -10.22 -5.85
N GLY B 140 -5.97 -9.84 -5.23
CA GLY B 140 -6.28 -10.31 -3.90
C GLY B 140 -5.60 -9.52 -2.81
N VAL B 141 -6.16 -9.64 -1.60
CA VAL B 141 -5.62 -9.01 -0.41
C VAL B 141 -5.75 -10.01 0.74
N ASP B 142 -4.88 -9.86 1.73
CA ASP B 142 -4.85 -10.79 2.85
C ASP B 142 -4.02 -10.16 3.96
N MET B 143 -4.22 -10.66 5.18
CA MET B 143 -3.48 -10.17 6.35
C MET B 143 -2.98 -11.38 7.13
N PRO B 144 -1.66 -11.53 7.34
CA PRO B 144 -0.58 -10.67 6.82
C PRO B 144 -0.58 -10.65 5.30
N GLY B 145 -0.01 -9.62 4.68
CA GLY B 145 -0.03 -9.50 3.23
C GLY B 145 0.94 -10.43 2.54
N ALA B 146 0.94 -10.33 1.21
CA ALA B 146 1.90 -11.10 0.42
C ALA B 146 3.33 -10.72 0.75
N ASP B 147 3.55 -9.48 1.19
CA ASP B 147 4.88 -9.07 1.61
C ASP B 147 5.38 -9.94 2.75
N TYR B 148 4.49 -10.28 3.69
CA TYR B 148 4.85 -11.22 4.75
C TYR B 148 5.12 -12.60 4.18
N GLN B 149 4.25 -13.07 3.28
CA GLN B 149 4.44 -14.38 2.67
C GLN B 149 5.79 -14.47 1.95
N LEU B 150 6.12 -13.45 1.14
CA LEU B 150 7.38 -13.49 0.40
C LEU B 150 8.58 -13.48 1.34
N THR B 151 8.52 -12.67 2.40
CA THR B 151 9.60 -12.64 3.38
C THR B 151 9.88 -14.04 3.91
N LYS B 152 8.84 -14.75 4.34
CA LYS B 152 9.04 -16.10 4.85
C LYS B 152 9.51 -17.04 3.75
N LEU B 153 8.97 -16.90 2.54
CA LEU B 153 9.34 -17.78 1.44
C LEU B 153 10.80 -17.62 1.06
N LEU B 154 11.28 -16.37 1.01
CA LEU B 154 12.67 -16.09 0.65
C LEU B 154 13.63 -16.21 1.81
N GLY B 155 13.13 -16.19 3.04
CA GLY B 155 14.00 -16.18 4.19
C GLY B 155 14.73 -14.86 4.36
N LEU B 156 14.03 -13.75 4.15
CA LEU B 156 14.63 -12.43 4.37
C LEU B 156 14.77 -12.17 5.86
N ARG B 157 15.62 -11.20 6.20
CA ARG B 157 15.85 -10.89 7.60
C ARG B 157 14.53 -10.55 8.29
N PRO B 158 14.34 -10.97 9.55
CA PRO B 158 13.13 -10.64 10.30
C PRO B 158 13.16 -9.22 10.85
N SER B 159 13.48 -8.27 9.97
CA SER B 159 13.58 -6.86 10.34
C SER B 159 13.56 -6.06 9.04
N VAL B 160 13.24 -6.75 7.94
CA VAL B 160 13.08 -6.08 6.66
C VAL B 160 11.95 -5.07 6.76
N ASN B 161 12.19 -3.87 6.26
CA ASN B 161 11.17 -2.83 6.22
C ASN B 161 10.28 -3.09 5.02
N ARG B 162 9.10 -3.66 5.27
CA ARG B 162 8.21 -4.08 4.20
C ARG B 162 7.20 -2.97 3.89
N LEU B 163 6.89 -2.83 2.60
CA LEU B 163 5.82 -1.95 2.13
C LEU B 163 4.91 -2.74 1.21
N MET B 164 3.63 -2.86 1.58
CA MET B 164 2.69 -3.72 0.88
C MET B 164 1.74 -2.84 0.07
N MET B 165 1.82 -2.93 -1.25
CA MET B 165 0.96 -2.19 -2.16
C MET B 165 -0.13 -3.11 -2.67
N TYR B 166 -1.35 -2.91 -2.19
CA TYR B 166 -2.49 -3.74 -2.55
C TYR B 166 -3.43 -3.00 -3.47
N GLN B 167 -4.06 -3.74 -4.39
CA GLN B 167 -5.18 -3.25 -5.20
C GLN B 167 -4.85 -1.93 -5.90
N GLN B 168 -3.58 -1.79 -6.31
CA GLN B 168 -3.12 -0.49 -6.83
C GLN B 168 -3.60 -0.25 -8.25
N GLY B 169 -3.34 -1.18 -9.16
CA GLY B 169 -3.67 -1.01 -10.55
C GLY B 169 -2.44 -0.97 -11.43
N SER B 170 -2.68 -0.85 -12.73
CA SER B 170 -1.65 -1.01 -13.74
C SER B 170 -0.57 0.07 -13.69
N PHE B 171 -0.79 1.16 -12.96
CA PHE B 171 0.24 2.20 -12.88
C PHE B 171 1.27 1.94 -11.80
N ALA B 172 1.05 0.93 -10.95
CA ALA B 172 1.91 0.72 -9.79
C ALA B 172 3.34 0.36 -10.16
N GLY B 173 3.57 -0.12 -11.39
CA GLY B 173 4.94 -0.41 -11.81
C GLY B 173 5.86 0.77 -11.62
N GLY B 174 5.36 1.97 -11.91
CA GLY B 174 6.15 3.17 -11.62
C GLY B 174 6.07 3.59 -10.17
N THR B 175 4.95 3.30 -9.50
CA THR B 175 4.81 3.68 -8.10
C THR B 175 5.83 2.97 -7.22
N VAL B 176 6.14 1.70 -7.54
CA VAL B 176 7.10 0.95 -6.75
C VAL B 176 8.51 1.54 -6.92
N LEU B 177 8.86 1.95 -8.15
CA LEU B 177 10.14 2.61 -8.37
C LEU B 177 10.20 3.94 -7.63
N ARG B 178 9.13 4.73 -7.73
CA ARG B 178 9.06 5.98 -6.98
C ARG B 178 9.23 5.74 -5.48
N VAL B 179 8.62 4.68 -4.97
CA VAL B 179 8.79 4.33 -3.55
C VAL B 179 10.22 3.90 -3.28
N ALA B 180 10.71 2.93 -4.05
CA ALA B 180 12.08 2.45 -3.87
C ALA B 180 13.09 3.58 -3.95
N LYS B 181 12.81 4.60 -4.75
CA LYS B 181 13.75 5.71 -4.91
C LYS B 181 13.98 6.43 -3.58
N ASP B 182 12.90 6.70 -2.84
CA ASP B 182 13.05 7.38 -1.56
C ASP B 182 13.65 6.44 -0.51
N LEU B 183 13.28 5.16 -0.55
CA LEU B 183 13.77 4.21 0.45
C LEU B 183 15.28 4.01 0.33
N ALA B 184 15.79 3.87 -0.89
CA ALA B 184 17.21 3.60 -1.08
C ALA B 184 18.06 4.85 -0.86
N GLU B 185 17.55 6.01 -1.28
CA GLU B 185 18.36 7.24 -1.24
C GLU B 185 18.39 7.87 0.15
N ASN B 186 17.41 7.58 1.01
CA ASN B 186 17.34 8.21 2.32
C ASN B 186 17.96 7.37 3.44
N ASN B 187 18.35 6.13 3.16
CA ASN B 187 18.88 5.22 4.16
C ASN B 187 20.17 4.61 3.65
N ARG B 188 21.28 4.92 4.31
CA ARG B 188 22.63 4.65 3.80
C ARG B 188 22.75 3.35 3.02
N GLY B 189 22.88 2.22 3.73
CA GLY B 189 23.17 0.98 3.05
C GLY B 189 21.96 0.20 2.60
N ALA B 190 20.82 0.87 2.44
CA ALA B 190 19.57 0.19 2.15
C ALA B 190 19.65 -0.51 0.79
N ARG B 191 19.12 -1.74 0.75
CA ARG B 191 18.98 -2.49 -0.49
C ARG B 191 17.52 -2.93 -0.61
N VAL B 192 16.81 -2.37 -1.59
CA VAL B 192 15.37 -2.51 -1.70
C VAL B 192 15.04 -3.57 -2.74
N LEU B 193 14.34 -4.63 -2.32
CA LEU B 193 13.81 -5.63 -3.23
C LEU B 193 12.39 -5.23 -3.60
N VAL B 194 12.17 -4.91 -4.88
CA VAL B 194 10.86 -4.51 -5.38
C VAL B 194 10.25 -5.69 -6.12
N VAL B 195 8.99 -6.01 -5.80
CA VAL B 195 8.32 -7.17 -6.35
C VAL B 195 6.92 -6.78 -6.78
N CYS B 196 6.62 -6.95 -8.07
CA CYS B 196 5.28 -6.80 -8.61
C CYS B 196 4.79 -8.16 -9.08
N SER B 197 3.59 -8.55 -8.67
CA SER B 197 3.07 -9.88 -8.98
C SER B 197 1.57 -9.78 -9.25
N GLU B 198 1.16 -10.23 -10.42
CA GLU B 198 -0.21 -10.10 -10.87
C GLU B 198 -0.69 -11.43 -11.44
N ILE B 199 -1.82 -11.93 -10.93
CA ILE B 199 -2.43 -13.16 -11.39
C ILE B 199 -3.90 -12.87 -11.66
N THR B 200 -4.35 -13.16 -12.89
CA THR B 200 -5.66 -12.75 -13.36
C THR B 200 -6.80 -13.60 -12.80
N ALA B 201 -6.52 -14.54 -11.89
CA ALA B 201 -7.59 -15.36 -11.33
C ALA B 201 -8.64 -14.54 -10.60
N VAL B 202 -8.36 -13.26 -10.31
CA VAL B 202 -9.33 -12.43 -9.63
C VAL B 202 -10.29 -11.72 -10.59
N THR B 203 -9.91 -11.57 -11.86
CA THR B 203 -10.74 -10.87 -12.83
C THR B 203 -11.27 -11.77 -13.94
N PHE B 204 -10.73 -12.97 -14.10
CA PHE B 204 -11.22 -13.88 -15.14
C PHE B 204 -12.71 -14.18 -14.93
N ARG B 205 -13.49 -14.06 -16.00
CA ARG B 205 -14.92 -14.31 -15.94
C ARG B 205 -15.45 -14.49 -17.36
N GLY B 206 -16.67 -15.04 -17.44
CA GLY B 206 -17.29 -15.32 -18.71
C GLY B 206 -17.74 -14.07 -19.43
N PRO B 207 -18.13 -14.22 -20.70
CA PRO B 207 -18.48 -13.06 -21.53
C PRO B 207 -19.95 -12.66 -21.39
N SER B 208 -20.22 -11.41 -21.76
CA SER B 208 -21.58 -10.88 -21.72
C SER B 208 -21.71 -9.78 -22.76
N GLU B 209 -22.71 -9.92 -23.64
CA GLU B 209 -22.93 -8.93 -24.68
C GLU B 209 -23.29 -7.56 -24.12
N SER B 210 -23.60 -7.48 -22.82
CA SER B 210 -24.01 -6.21 -22.21
C SER B 210 -22.85 -5.44 -21.60
N HIS B 211 -21.74 -6.13 -21.28
CA HIS B 211 -20.60 -5.50 -20.61
C HIS B 211 -19.35 -5.79 -21.44
N LEU B 212 -19.27 -5.16 -22.62
CA LEU B 212 -18.16 -5.39 -23.53
C LEU B 212 -16.84 -4.87 -22.98
N ASP B 213 -16.88 -3.87 -22.08
CA ASP B 213 -15.63 -3.36 -21.53
C ASP B 213 -14.87 -4.44 -20.78
N SER B 214 -15.59 -5.29 -20.03
CA SER B 214 -14.93 -6.40 -19.35
C SER B 214 -14.41 -7.45 -20.34
N LEU B 215 -14.94 -7.47 -21.57
CA LEU B 215 -14.50 -8.47 -22.53
C LEU B 215 -13.10 -8.18 -23.04
N VAL B 216 -12.74 -6.91 -23.19
CA VAL B 216 -11.38 -6.58 -23.64
C VAL B 216 -10.36 -7.01 -22.60
N GLY B 217 -10.70 -6.89 -21.31
CA GLY B 217 -9.80 -7.38 -20.28
C GLY B 217 -9.48 -8.85 -20.48
N GLN B 218 -10.49 -9.66 -20.81
CA GLN B 218 -10.27 -11.08 -21.07
C GLN B 218 -9.33 -11.33 -22.24
N ALA B 219 -9.14 -10.34 -23.12
CA ALA B 219 -8.26 -10.47 -24.26
C ALA B 219 -6.86 -9.93 -24.02
N LEU B 220 -6.66 -9.17 -22.94
CA LEU B 220 -5.37 -8.50 -22.73
C LEU B 220 -4.65 -8.93 -21.47
N PHE B 221 -5.36 -9.20 -20.38
CA PHE B 221 -4.71 -9.42 -19.09
C PHE B 221 -3.94 -10.74 -19.08
N GLY B 222 -2.72 -10.70 -18.53
CA GLY B 222 -1.93 -11.90 -18.37
C GLY B 222 -1.26 -11.93 -17.00
N ASP B 223 -0.72 -13.09 -16.65
CA ASP B 223 -0.09 -13.32 -15.36
C ASP B 223 1.42 -13.12 -15.47
N GLY B 224 2.02 -12.62 -14.40
CA GLY B 224 3.46 -12.45 -14.36
C GLY B 224 3.95 -11.68 -13.17
N ALA B 225 5.25 -11.79 -12.88
CA ALA B 225 5.90 -11.09 -11.79
C ALA B 225 7.27 -10.62 -12.24
N ALA B 226 7.67 -9.44 -11.80
CA ALA B 226 8.99 -8.90 -12.10
C ALA B 226 9.59 -8.34 -10.81
N ALA B 227 10.84 -8.70 -10.55
CA ALA B 227 11.55 -8.24 -9.36
C ALA B 227 12.71 -7.34 -9.75
N VAL B 228 12.97 -6.35 -8.90
CA VAL B 228 14.02 -5.37 -9.13
C VAL B 228 14.70 -5.08 -7.81
N ILE B 229 16.03 -5.01 -7.83
CA ILE B 229 16.83 -4.67 -6.66
C ILE B 229 17.38 -3.27 -6.85
N VAL B 230 17.06 -2.38 -5.92
CA VAL B 230 17.38 -0.97 -6.02
C VAL B 230 18.21 -0.57 -4.80
N GLY B 231 19.24 0.21 -5.04
CA GLY B 231 20.06 0.70 -3.94
C GLY B 231 20.93 1.84 -4.42
N ALA B 232 21.31 2.70 -3.48
CA ALA B 232 22.21 3.80 -3.75
C ALA B 232 23.64 3.39 -3.41
N ASP B 233 24.60 4.10 -4.01
CA ASP B 233 26.01 3.84 -3.77
C ASP B 233 26.33 2.37 -4.04
N PRO B 234 26.25 1.91 -5.30
CA PRO B 234 26.56 0.51 -5.57
C PRO B 234 28.00 0.18 -5.24
N ASP B 235 28.24 -1.07 -4.85
CA ASP B 235 29.59 -1.54 -4.58
C ASP B 235 30.26 -1.91 -5.90
N GLU B 236 31.33 -1.20 -6.24
CA GLU B 236 32.02 -1.43 -7.49
C GLU B 236 32.63 -2.83 -7.51
N ARG B 237 32.62 -3.46 -8.69
CA ARG B 237 33.18 -4.79 -8.88
C ARG B 237 32.41 -5.85 -8.13
N ALA B 238 31.31 -5.45 -7.48
CA ALA B 238 30.42 -6.38 -6.81
C ALA B 238 28.97 -6.23 -7.24
N GLU B 239 28.56 -5.05 -7.71
CA GLU B 239 27.23 -4.80 -8.23
C GLU B 239 27.34 -4.08 -9.57
N ARG B 240 26.36 -4.34 -10.45
CA ARG B 240 26.39 -3.90 -11.84
C ARG B 240 25.23 -2.95 -12.10
N PRO B 241 25.42 -1.65 -11.99
CA PRO B 241 24.31 -0.70 -12.18
C PRO B 241 23.68 -0.83 -13.57
N LEU B 242 22.36 -0.91 -13.59
CA LEU B 242 21.61 -1.04 -14.83
C LEU B 242 20.97 0.27 -15.24
N PHE B 243 20.17 0.88 -14.36
CA PHE B 243 19.53 2.16 -14.63
C PHE B 243 19.58 3.01 -13.37
N GLN B 244 19.38 4.31 -13.54
CA GLN B 244 19.33 5.23 -12.42
C GLN B 244 17.95 5.85 -12.34
N LEU B 245 17.43 5.97 -11.12
CA LEU B 245 16.13 6.60 -10.89
C LEU B 245 16.38 8.08 -10.61
N VAL B 246 16.23 8.91 -11.65
CA VAL B 246 16.52 10.33 -11.52
C VAL B 246 15.38 11.05 -10.80
N SER B 247 14.16 10.84 -11.25
CA SER B 247 13.00 11.48 -10.62
C SER B 247 11.76 10.65 -10.89
N ALA B 248 10.74 10.87 -10.06
CA ALA B 248 9.48 10.18 -10.18
C ALA B 248 8.36 11.13 -9.79
N ALA B 249 7.28 11.13 -10.57
CA ALA B 249 6.14 11.98 -10.32
C ALA B 249 4.86 11.24 -10.67
N GLN B 250 3.77 11.62 -10.00
CA GLN B 250 2.47 11.03 -10.25
C GLN B 250 1.45 12.15 -10.45
N THR B 251 0.46 11.90 -11.30
CA THR B 251 -0.50 12.94 -11.63
C THR B 251 -1.79 12.30 -12.14
N LEU B 252 -2.87 13.10 -12.10
CA LEU B 252 -4.18 12.68 -12.57
C LEU B 252 -4.59 13.54 -13.76
N LEU B 253 -4.78 12.89 -14.90
CA LEU B 253 -5.14 13.63 -16.11
C LEU B 253 -6.49 14.33 -15.93
N PRO B 254 -6.64 15.54 -16.46
CA PRO B 254 -7.91 16.25 -16.32
C PRO B 254 -8.99 15.62 -17.19
N ASP B 255 -10.24 15.79 -16.78
CA ASP B 255 -11.40 15.26 -17.50
C ASP B 255 -11.30 13.75 -17.67
N SER B 256 -10.64 13.06 -16.74
CA SER B 256 -10.46 11.62 -16.78
C SER B 256 -11.14 10.92 -15.61
N GLU B 257 -11.91 11.64 -14.80
CA GLU B 257 -12.48 11.16 -13.54
C GLU B 257 -12.67 9.65 -13.45
N GLY B 258 -13.77 9.15 -14.02
CA GLY B 258 -14.06 7.73 -13.92
C GLY B 258 -13.68 6.95 -15.15
N ALA B 259 -12.52 7.25 -15.74
CA ALA B 259 -12.08 6.58 -16.95
C ALA B 259 -12.04 5.06 -16.76
N ILE B 260 -11.29 4.61 -15.75
CA ILE B 260 -11.15 3.18 -15.44
C ILE B 260 -11.47 3.00 -13.97
N ASP B 261 -12.55 2.30 -13.67
CA ASP B 261 -12.92 1.96 -12.31
C ASP B 261 -12.72 0.47 -12.08
N GLY B 262 -12.41 0.10 -10.85
CA GLY B 262 -12.21 -1.28 -10.49
C GLY B 262 -12.75 -1.59 -9.12
N HIS B 263 -13.69 -2.53 -9.03
CA HIS B 263 -14.37 -2.83 -7.77
C HIS B 263 -14.15 -4.28 -7.40
N LEU B 264 -13.78 -4.52 -6.14
CA LEU B 264 -13.63 -5.86 -5.59
C LEU B 264 -14.92 -6.22 -4.88
N ARG B 265 -15.68 -7.12 -5.48
CA ARG B 265 -17.00 -7.48 -4.99
C ARG B 265 -17.07 -8.99 -4.76
N GLU B 266 -18.26 -9.46 -4.39
CA GLU B 266 -18.45 -10.88 -4.16
C GLU B 266 -18.23 -11.69 -5.43
N VAL B 267 -18.35 -11.07 -6.61
CA VAL B 267 -18.14 -11.76 -7.88
C VAL B 267 -16.68 -11.65 -8.29
N GLY B 268 -15.87 -11.06 -7.42
CA GLY B 268 -14.47 -10.84 -7.70
C GLY B 268 -14.21 -9.44 -8.21
N LEU B 269 -13.04 -9.28 -8.83
CA LEU B 269 -12.64 -7.98 -9.33
C LEU B 269 -13.26 -7.74 -10.69
N THR B 270 -13.95 -6.61 -10.83
CA THR B 270 -14.59 -6.21 -12.08
C THR B 270 -14.07 -4.85 -12.51
N PHE B 271 -13.78 -4.71 -13.80
CA PHE B 271 -13.30 -3.47 -14.37
C PHE B 271 -14.37 -2.84 -15.25
N HIS B 272 -14.43 -1.51 -15.22
CA HIS B 272 -15.45 -0.76 -15.94
C HIS B 272 -14.76 0.36 -16.72
N LEU B 273 -15.00 0.39 -18.02
CA LEU B 273 -14.31 1.31 -18.93
C LEU B 273 -15.30 2.37 -19.39
N LEU B 274 -15.15 3.57 -18.83
CA LEU B 274 -15.81 4.78 -19.30
C LEU B 274 -14.76 5.69 -19.90
N LYS B 275 -15.14 6.46 -20.92
CA LYS B 275 -14.21 7.42 -21.51
C LYS B 275 -13.09 6.76 -22.30
N ASP B 276 -12.48 7.53 -23.21
CA ASP B 276 -11.44 7.05 -24.11
C ASP B 276 -10.10 7.08 -23.40
N VAL B 277 -9.56 5.91 -23.08
CA VAL B 277 -8.31 5.82 -22.32
C VAL B 277 -7.12 6.16 -23.21
N PRO B 278 -7.00 5.57 -24.40
CA PRO B 278 -5.90 5.96 -25.30
C PRO B 278 -5.90 7.45 -25.60
N GLY B 279 -7.06 8.04 -25.86
CA GLY B 279 -7.12 9.46 -26.17
C GLY B 279 -6.71 10.32 -25.00
N LEU B 280 -7.22 10.01 -23.81
CA LEU B 280 -6.89 10.80 -22.62
C LEU B 280 -5.38 10.80 -22.37
N ILE B 281 -4.72 9.66 -22.58
CA ILE B 281 -3.28 9.60 -22.37
C ILE B 281 -2.54 10.37 -23.46
N SER B 282 -2.94 10.19 -24.72
CA SER B 282 -2.25 10.84 -25.83
C SER B 282 -2.34 12.36 -25.72
N LYS B 283 -3.50 12.88 -25.28
CA LYS B 283 -3.69 14.32 -25.22
C LYS B 283 -2.81 14.99 -24.17
N ASN B 284 -2.31 14.22 -23.19
CA ASN B 284 -1.59 14.81 -22.07
C ASN B 284 -0.19 14.23 -21.89
N ILE B 285 0.26 13.31 -22.75
CA ILE B 285 1.55 12.68 -22.54
C ILE B 285 2.68 13.71 -22.67
N GLU B 286 2.58 14.59 -23.66
CA GLU B 286 3.63 15.59 -23.86
C GLU B 286 3.78 16.49 -22.63
N ARG B 287 2.65 16.87 -22.02
CA ARG B 287 2.72 17.70 -20.83
C ARG B 287 3.43 16.99 -19.70
N ALA B 288 3.22 15.68 -19.57
CA ALA B 288 3.97 14.90 -18.59
C ALA B 288 5.45 14.83 -18.98
N LEU B 289 5.75 14.65 -20.26
CA LEU B 289 7.13 14.61 -20.70
C LEU B 289 7.83 15.95 -20.43
N GLU B 290 7.14 17.05 -20.71
CA GLU B 290 7.76 18.36 -20.51
C GLU B 290 7.97 18.67 -19.03
N ALA B 291 7.06 18.20 -18.16
CA ALA B 291 7.23 18.46 -16.73
C ALA B 291 8.44 17.73 -16.17
N ALA B 292 8.84 16.61 -16.78
CA ALA B 292 9.92 15.79 -16.27
C ALA B 292 11.27 16.05 -16.93
N PHE B 293 11.28 16.66 -18.12
CA PHE B 293 12.52 16.86 -18.86
C PHE B 293 12.86 18.31 -19.13
N ALA B 294 11.92 19.24 -18.95
CA ALA B 294 12.25 20.66 -19.09
C ALA B 294 13.37 21.07 -18.16
N PRO B 295 13.31 20.79 -16.85
CA PRO B 295 14.41 21.20 -15.95
C PRO B 295 15.69 20.43 -16.27
N LEU B 296 15.59 19.50 -17.20
CA LEU B 296 16.74 18.73 -17.67
C LEU B 296 17.33 19.28 -18.97
N GLY B 297 16.69 20.27 -19.60
CA GLY B 297 17.16 20.74 -20.88
C GLY B 297 16.98 19.74 -22.01
N ILE B 298 15.94 18.91 -21.94
CA ILE B 298 15.69 17.88 -22.93
C ILE B 298 14.33 18.14 -23.56
N SER B 299 14.30 18.28 -24.89
CA SER B 299 13.08 18.54 -25.63
C SER B 299 12.75 17.50 -26.68
N ASP B 300 13.75 16.78 -27.19
CA ASP B 300 13.54 15.83 -28.28
C ASP B 300 13.09 14.49 -27.69
N TRP B 301 11.78 14.24 -27.76
CA TRP B 301 11.23 13.00 -27.21
C TRP B 301 11.70 11.77 -27.95
N ASN B 302 12.37 11.92 -29.09
CA ASN B 302 12.95 10.79 -29.79
C ASN B 302 14.39 10.53 -29.39
N SER B 303 14.96 11.36 -28.51
CA SER B 303 16.34 11.22 -28.06
C SER B 303 16.46 10.45 -26.76
N ILE B 304 15.35 9.92 -26.24
CA ILE B 304 15.33 9.21 -24.97
C ILE B 304 14.72 7.83 -25.19
N PHE B 305 15.19 6.84 -24.44
CA PHE B 305 14.61 5.52 -24.51
C PHE B 305 13.31 5.47 -23.72
N TRP B 306 12.34 4.73 -24.25
CA TRP B 306 10.96 4.78 -23.77
C TRP B 306 10.56 3.47 -23.10
N VAL B 307 9.85 3.59 -21.98
CA VAL B 307 9.24 2.46 -21.29
C VAL B 307 7.82 2.87 -20.94
N ALA B 308 6.85 2.25 -21.60
CA ALA B 308 5.45 2.63 -21.46
C ALA B 308 4.63 1.40 -21.10
N HIS B 309 3.77 1.54 -20.09
CA HIS B 309 2.92 0.43 -19.71
C HIS B 309 2.02 0.05 -20.89
N PRO B 310 2.15 -1.17 -21.42
CA PRO B 310 1.33 -1.56 -22.57
C PRO B 310 -0.09 -1.93 -22.16
N GLY B 311 -0.84 -0.93 -21.68
CA GLY B 311 -2.22 -1.19 -21.29
C GLY B 311 -3.02 -1.81 -22.41
N GLY B 312 -2.88 -1.26 -23.62
CA GLY B 312 -3.45 -1.82 -24.81
C GLY B 312 -2.77 -1.25 -26.03
N PRO B 313 -2.85 -1.96 -27.16
CA PRO B 313 -2.18 -1.45 -28.37
C PRO B 313 -2.63 -0.06 -28.76
N ALA B 314 -3.89 0.29 -28.48
CA ALA B 314 -4.38 1.61 -28.84
C ALA B 314 -3.67 2.71 -28.05
N ILE B 315 -3.35 2.45 -26.79
CA ILE B 315 -2.59 3.42 -26.00
C ILE B 315 -1.23 3.66 -26.64
N LEU B 316 -0.54 2.59 -27.02
CA LEU B 316 0.78 2.73 -27.62
C LEU B 316 0.71 3.47 -28.94
N ASP B 317 -0.23 3.07 -29.81
CA ASP B 317 -0.33 3.70 -31.13
C ASP B 317 -0.63 5.19 -31.01
N GLN B 318 -1.61 5.55 -30.17
CA GLN B 318 -2.07 6.93 -30.12
C GLN B 318 -1.04 7.84 -29.46
N VAL B 319 -0.22 7.30 -28.56
CA VAL B 319 0.85 8.11 -27.99
C VAL B 319 2.02 8.20 -28.96
N GLU B 320 2.39 7.08 -29.59
CA GLU B 320 3.46 7.10 -30.57
C GLU B 320 3.14 8.04 -31.73
N ALA B 321 1.86 8.21 -32.05
CA ALA B 321 1.47 9.10 -33.14
C ALA B 321 1.37 10.55 -32.67
N LYS B 322 0.97 10.78 -31.43
CA LYS B 322 0.83 12.15 -30.94
C LYS B 322 2.17 12.87 -30.91
N VAL B 323 3.23 12.19 -30.48
CA VAL B 323 4.55 12.78 -30.38
C VAL B 323 5.48 12.28 -31.47
N SER B 324 4.95 11.59 -32.48
CA SER B 324 5.73 11.18 -33.65
C SER B 324 6.98 10.40 -33.27
N LEU B 325 6.81 9.46 -32.35
CA LEU B 325 7.93 8.64 -31.90
C LEU B 325 8.44 7.77 -33.04
N ASP B 326 9.75 7.59 -33.09
CA ASP B 326 10.32 6.58 -33.98
C ASP B 326 9.86 5.21 -33.54
N LYS B 327 9.40 4.40 -34.51
CA LYS B 327 8.83 3.11 -34.17
C LYS B 327 9.80 2.18 -33.45
N ALA B 328 11.07 2.55 -33.36
CA ALA B 328 12.03 1.80 -32.56
C ALA B 328 11.99 2.14 -31.07
N ARG B 329 11.37 3.26 -30.71
CA ARG B 329 11.33 3.67 -29.31
C ARG B 329 10.41 2.77 -28.49
N MET B 330 9.29 2.34 -29.08
CA MET B 330 8.36 1.44 -28.40
C MET B 330 8.57 -0.01 -28.78
N ARG B 331 9.76 -0.35 -29.30
CA ARG B 331 10.04 -1.72 -29.70
C ARG B 331 10.03 -2.65 -28.50
N ALA B 332 10.71 -2.27 -27.41
CA ALA B 332 10.73 -3.11 -26.21
C ALA B 332 9.35 -3.18 -25.58
N THR B 333 8.63 -2.06 -25.55
CA THR B 333 7.27 -2.06 -25.01
C THR B 333 6.37 -3.02 -25.78
N ARG B 334 6.33 -2.88 -27.11
CA ARG B 334 5.47 -3.73 -27.92
C ARG B 334 5.90 -5.19 -27.87
N HIS B 335 7.20 -5.44 -27.70
CA HIS B 335 7.68 -6.82 -27.64
C HIS B 335 7.16 -7.53 -26.40
N VAL B 336 7.20 -6.86 -25.24
CA VAL B 336 6.71 -7.47 -24.01
C VAL B 336 5.21 -7.71 -24.11
N LEU B 337 4.47 -6.76 -24.69
CA LEU B 337 3.03 -6.96 -24.87
C LEU B 337 2.74 -8.16 -25.76
N ALA B 338 3.62 -8.45 -26.72
CA ALA B 338 3.37 -9.56 -27.63
C ALA B 338 3.61 -10.91 -26.96
N GLU B 339 4.68 -11.04 -26.20
CA GLU B 339 5.03 -12.33 -25.60
C GLU B 339 4.43 -12.53 -24.21
N TYR B 340 3.77 -11.53 -23.65
CA TYR B 340 3.26 -11.65 -22.29
C TYR B 340 1.86 -11.07 -22.08
N GLY B 341 1.35 -10.23 -22.96
CA GLY B 341 0.09 -9.57 -22.71
C GLY B 341 0.24 -8.47 -21.66
N ASN B 342 -0.91 -7.96 -21.22
CA ASN B 342 -0.94 -6.91 -20.21
C ASN B 342 -0.85 -7.56 -18.83
N MET B 343 0.30 -7.39 -18.17
CA MET B 343 0.54 -7.97 -16.86
C MET B 343 0.41 -6.94 -15.74
N SER B 344 -0.40 -5.90 -15.96
CA SER B 344 -0.67 -4.88 -14.95
C SER B 344 0.67 -4.28 -14.49
N SER B 345 0.86 -4.05 -13.19
CA SER B 345 1.99 -3.26 -12.71
C SER B 345 3.33 -3.87 -13.12
N ALA B 346 3.42 -5.20 -13.23
CA ALA B 346 4.71 -5.82 -13.53
C ALA B 346 5.19 -5.59 -14.95
N CYS B 347 4.35 -5.02 -15.82
CA CYS B 347 4.68 -4.93 -17.24
C CYS B 347 5.90 -4.04 -17.47
N VAL B 348 5.90 -2.83 -16.88
CA VAL B 348 6.99 -1.89 -17.12
C VAL B 348 8.31 -2.45 -16.62
N LEU B 349 8.26 -3.35 -15.62
CA LEU B 349 9.50 -3.98 -15.16
C LEU B 349 9.98 -5.07 -16.12
N PHE B 350 9.05 -5.73 -16.83
CA PHE B 350 9.43 -6.63 -17.89
C PHE B 350 10.14 -5.90 -19.02
N ILE B 351 9.64 -4.72 -19.38
CA ILE B 351 10.23 -3.96 -20.47
C ILE B 351 11.65 -3.51 -20.12
N LEU B 352 11.84 -3.04 -18.88
CA LEU B 352 13.19 -2.72 -18.44
C LEU B 352 14.13 -3.91 -18.66
N ASP B 353 13.75 -5.07 -18.15
CA ASP B 353 14.57 -6.27 -18.37
C ASP B 353 14.77 -6.54 -19.86
N GLU B 354 13.75 -6.28 -20.67
CA GLU B 354 13.86 -6.53 -22.10
C GLU B 354 14.78 -5.51 -22.77
N MET B 355 14.61 -4.23 -22.43
CA MET B 355 15.42 -3.19 -23.06
C MET B 355 16.90 -3.39 -22.79
N ARG B 356 17.27 -3.62 -21.52
CA ARG B 356 18.67 -3.83 -21.20
C ARG B 356 19.19 -5.13 -21.79
N LYS B 357 18.35 -6.17 -21.86
CA LYS B 357 18.79 -7.43 -22.43
C LYS B 357 19.07 -7.29 -23.92
N ARG B 358 18.15 -6.65 -24.65
CA ARG B 358 18.35 -6.43 -26.08
C ARG B 358 19.53 -5.50 -26.33
N SER B 359 19.70 -4.47 -25.48
CA SER B 359 20.80 -3.52 -25.67
C SER B 359 22.14 -4.22 -25.61
N ALA B 360 22.37 -5.02 -24.57
CA ALA B 360 23.64 -5.76 -24.47
C ALA B 360 23.80 -6.74 -25.62
N GLU B 361 22.71 -7.33 -26.09
CA GLU B 361 22.79 -8.29 -27.18
C GLU B 361 22.90 -7.62 -28.55
N ASP B 362 22.50 -6.35 -28.66
CA ASP B 362 22.60 -5.60 -29.90
C ASP B 362 23.83 -4.69 -29.93
N GLY B 363 24.72 -4.81 -28.95
CA GLY B 363 25.93 -4.00 -28.95
C GLY B 363 25.69 -2.53 -28.69
N CYS B 364 24.64 -2.18 -27.97
CA CYS B 364 24.40 -0.78 -27.65
C CYS B 364 25.46 -0.26 -26.68
N ALA B 365 25.63 1.07 -26.66
CA ALA B 365 26.61 1.66 -25.77
C ALA B 365 26.11 1.73 -24.33
N THR B 366 24.82 1.91 -24.13
CA THR B 366 24.21 1.97 -22.81
C THR B 366 23.13 0.91 -22.69
N THR B 367 22.70 0.66 -21.45
CA THR B 367 21.60 -0.25 -21.19
C THR B 367 20.25 0.33 -21.66
N GLY B 368 20.22 1.58 -22.07
CA GLY B 368 19.00 2.20 -22.54
C GLY B 368 18.98 2.39 -24.04
N GLU B 369 19.28 1.31 -24.78
CA GLU B 369 19.28 1.34 -26.24
C GLU B 369 20.21 2.43 -26.77
N GLY B 370 21.40 2.50 -26.21
CA GLY B 370 22.40 3.44 -26.70
C GLY B 370 22.18 4.85 -26.19
N LEU B 371 20.96 5.17 -25.79
CA LEU B 371 20.67 6.50 -25.28
C LEU B 371 21.07 6.61 -23.80
N ASP B 372 21.12 7.85 -23.33
CA ASP B 372 21.48 8.14 -21.94
C ASP B 372 20.27 8.33 -21.04
N TRP B 373 19.28 9.10 -21.48
CA TRP B 373 18.10 9.39 -20.69
C TRP B 373 16.90 8.59 -21.20
N GLY B 374 16.02 8.22 -20.27
CA GLY B 374 14.82 7.48 -20.61
C GLY B 374 13.67 7.90 -19.72
N VAL B 375 12.46 7.52 -20.14
CA VAL B 375 11.25 7.82 -19.40
C VAL B 375 10.45 6.54 -19.22
N LEU B 376 9.87 6.38 -18.04
CA LEU B 376 9.06 5.21 -17.71
C LEU B 376 7.67 5.68 -17.31
N PHE B 377 6.66 5.21 -18.02
CA PHE B 377 5.28 5.64 -17.84
C PHE B 377 4.45 4.50 -17.29
N GLY B 378 3.68 4.79 -16.25
CA GLY B 378 2.68 3.88 -15.72
C GLY B 378 1.29 4.49 -15.87
N PHE B 379 0.36 3.67 -16.35
CA PHE B 379 -1.00 4.09 -16.61
C PHE B 379 -1.96 3.17 -15.88
N GLY B 380 -2.96 3.77 -15.22
CA GLY B 380 -3.90 3.00 -14.44
C GLY B 380 -5.10 3.79 -13.97
N PRO B 381 -5.91 3.17 -13.10
CA PRO B 381 -7.15 3.80 -12.62
C PRO B 381 -6.98 5.22 -12.10
N GLY B 382 -8.08 5.97 -12.12
CA GLY B 382 -8.06 7.41 -11.95
C GLY B 382 -7.58 8.15 -13.18
N LEU B 383 -7.18 7.43 -14.22
CA LEU B 383 -6.24 7.92 -15.22
C LEU B 383 -5.04 8.54 -14.52
N THR B 384 -4.46 7.76 -13.61
CA THR B 384 -3.20 8.12 -12.99
C THR B 384 -2.07 7.80 -13.96
N VAL B 385 -1.12 8.73 -14.08
CA VAL B 385 0.09 8.54 -14.85
C VAL B 385 1.27 8.69 -13.91
N GLU B 386 2.08 7.64 -13.81
CA GLU B 386 3.35 7.69 -13.10
C GLU B 386 4.45 7.97 -14.11
N THR B 387 5.31 8.93 -13.81
CA THR B 387 6.40 9.31 -14.70
C THR B 387 7.72 9.17 -13.95
N VAL B 388 8.59 8.30 -14.46
CA VAL B 388 9.91 8.07 -13.87
C VAL B 388 10.96 8.45 -14.91
N VAL B 389 11.82 9.41 -14.56
CA VAL B 389 12.94 9.76 -15.41
C VAL B 389 14.08 8.79 -15.12
N LEU B 390 14.44 8.00 -16.12
CA LEU B 390 15.48 7.00 -15.99
C LEU B 390 16.79 7.49 -16.60
N HIS B 391 17.88 6.80 -16.26
CA HIS B 391 19.17 7.02 -16.87
C HIS B 391 19.86 5.68 -17.07
N SER B 392 20.48 5.51 -18.23
CA SER B 392 21.12 4.25 -18.57
C SER B 392 22.53 4.20 -17.98
N VAL B 393 23.18 3.05 -18.15
CA VAL B 393 24.54 2.83 -17.67
C VAL B 393 25.38 2.30 -18.82
N PRO B 394 26.58 2.84 -19.04
CA PRO B 394 27.43 2.32 -20.12
C PRO B 394 27.52 0.80 -20.10
N ILE B 395 27.70 0.22 -21.28
CA ILE B 395 27.77 -1.22 -21.43
C ILE B 395 29.21 -1.65 -21.72
C1 GOL C . 8.58 12.91 -5.09
O1 GOL C . 8.10 13.51 -6.26
C2 GOL C . 9.06 11.51 -5.49
O2 GOL C . 10.44 11.36 -5.41
C3 GOL C . 8.30 10.52 -4.55
O3 GOL C . 8.62 10.83 -3.21
H11 GOL C . 7.91 12.85 -4.39
H12 GOL C . 9.32 13.41 -4.70
HO1 GOL C . 7.83 14.28 -6.05
H2 GOL C . 8.82 11.34 -6.42
HO2 GOL C . 10.63 11.15 -4.61
H31 GOL C . 8.56 9.62 -4.81
H32 GOL C . 7.36 10.59 -4.75
HO3 GOL C . 8.94 11.60 -3.18
#